data_1S2Q
#
_entry.id   1S2Q
#
_cell.length_a   132.924
_cell.length_b   224.330
_cell.length_c   86.689
_cell.angle_alpha   90.00
_cell.angle_beta   90.00
_cell.angle_gamma   90.00
#
_symmetry.space_group_name_H-M   'C 2 2 2'
#
loop_
_entity.id
_entity.type
_entity.pdbx_description
1 polymer 'Amine oxidase [flavin-containing] B'
2 non-polymer 'FLAVIN-ADENINE DINUCLEOTIDE'
3 non-polymer (1R)-N-(prop-2-en-1-yl)-2,3-dihydro-1H-inden-1-amine
4 water water
#
_entity_poly.entity_id   1
_entity_poly.type   'polypeptide(L)'
_entity_poly.pdbx_seq_one_letter_code
;MSNKCDVVVVGGGISGMAAAKLLHDSGLNVVVLEARDRVGGRTYTLRNQKVKYVDLGGSYVGPTQNRILRLAKELGLETY
KVNEVERLIHHVKGKSYPFRGPFPPVWNPITYLDHNNFWRTMDDMGREIPSDAPWKAPLAEEWDNMTMKELLDKLCWTES
AKQLATLFVNLCVTAETHEVSALWFLWYVKQCGGTTRIISTTNGGQERKFVGGSGQVSERIMDLLGDRVKLERPVIYIDQ
TRENVLVETLNHEMYEAKYVISAIPPTLGMKIHFNPPLPMMRNQMITRVPLGSVIKCIVYYKEPFWRKKDYCGTMIIDGE
EAPVAYTLDDTKPEGNYAAIMGFILAHKARKLARLTKEERLKKLCELYAKVLGSLEALEPVHYEEKNWCEEQYSGGCYTT
YFPPGILTQYGRVLRQPVDRIYFAGTETATHWSGYMEGAVEAGERAAREILHAMGKIPEDEIWQSEPESVDVPAQPITTT
FLERHLPSVPGLLRLIGLTTIFSATALGFLAHKRGLLVRV
;
_entity_poly.pdbx_strand_id   A,B
#
loop_
_chem_comp.id
_chem_comp.type
_chem_comp.name
_chem_comp.formula
FAD non-polymer 'FLAVIN-ADENINE DINUCLEOTIDE' 'C27 H33 N9 O15 P2'
RAS non-polymer (1R)-N-(prop-2-en-1-yl)-2,3-dihydro-1H-inden-1-amine 'C12 H15 N'
#
# COMPACT_ATOMS: atom_id res chain seq x y z
N ASN A 3 -4.50 -27.86 22.08
CA ASN A 3 -3.97 -28.65 20.92
C ASN A 3 -5.00 -28.83 19.80
N LYS A 4 -5.93 -29.77 19.98
CA LYS A 4 -6.84 -30.18 18.89
C LYS A 4 -8.25 -29.61 19.03
N CYS A 5 -8.81 -29.18 17.90
CA CYS A 5 -10.17 -28.65 17.82
C CYS A 5 -10.71 -28.74 16.40
N ASP A 6 -11.94 -28.25 16.19
CA ASP A 6 -12.53 -28.22 14.86
C ASP A 6 -12.07 -26.99 14.05
N VAL A 7 -12.14 -25.81 14.67
CA VAL A 7 -11.82 -24.55 14.01
C VAL A 7 -10.97 -23.64 14.90
N VAL A 8 -9.86 -23.16 14.35
CA VAL A 8 -9.07 -22.11 14.98
C VAL A 8 -9.50 -20.78 14.38
N VAL A 9 -9.86 -19.83 15.24
CA VAL A 9 -10.16 -18.46 14.82
C VAL A 9 -8.97 -17.57 15.18
N VAL A 10 -8.36 -16.95 14.18
CA VAL A 10 -7.25 -16.04 14.41
C VAL A 10 -7.79 -14.62 14.55
N GLY A 11 -7.71 -14.07 15.76
CA GLY A 11 -8.18 -12.73 16.03
C GLY A 11 -9.43 -12.72 16.90
N GLY A 12 -9.36 -11.97 18.00
CA GLY A 12 -10.47 -11.87 18.94
C GLY A 12 -11.14 -10.52 18.98
N GLY A 13 -11.28 -9.87 17.82
CA GLY A 13 -12.12 -8.69 17.70
C GLY A 13 -13.57 -9.13 17.53
N ILE A 14 -14.45 -8.18 17.22
CA ILE A 14 -15.87 -8.50 17.04
C ILE A 14 -16.12 -9.58 15.98
N SER A 15 -15.41 -9.50 14.86
CA SER A 15 -15.60 -10.46 13.77
C SER A 15 -15.23 -11.88 14.19
N GLY A 16 -14.05 -12.05 14.77
CA GLY A 16 -13.58 -13.32 15.27
C GLY A 16 -14.45 -13.90 16.37
N MET A 17 -14.89 -13.05 17.30
CA MET A 17 -15.77 -13.47 18.38
C MET A 17 -17.16 -13.87 17.90
N ALA A 18 -17.73 -13.10 16.97
CA ALA A 18 -19.03 -13.45 16.37
C ALA A 18 -18.97 -14.79 15.64
N ALA A 19 -17.87 -15.04 14.93
CA ALA A 19 -17.66 -16.31 14.23
C ALA A 19 -17.54 -17.47 15.23
N ALA A 20 -16.74 -17.27 16.28
CA ALA A 20 -16.52 -18.28 17.29
C ALA A 20 -17.82 -18.63 18.02
N LYS A 21 -18.62 -17.62 18.34
CA LYS A 21 -19.91 -17.82 18.99
C LYS A 21 -20.87 -18.64 18.12
N LEU A 22 -20.95 -18.31 16.84
CA LEU A 22 -21.80 -19.04 15.91
C LEU A 22 -21.41 -20.52 15.84
N LEU A 23 -20.12 -20.78 15.68
CA LEU A 23 -19.61 -22.16 15.59
C LEU A 23 -19.81 -22.93 16.89
N HIS A 24 -19.56 -22.26 18.02
CA HIS A 24 -19.75 -22.84 19.35
C HIS A 24 -21.22 -23.20 19.59
N ASP A 25 -22.12 -22.33 19.14
CA ASP A 25 -23.57 -22.57 19.25
C ASP A 25 -24.03 -23.73 18.35
N SER A 26 -23.29 -23.96 17.27
CA SER A 26 -23.57 -25.04 16.34
C SER A 26 -23.08 -26.40 16.84
N GLY A 27 -22.29 -26.40 17.92
CA GLY A 27 -21.81 -27.63 18.53
C GLY A 27 -20.37 -28.01 18.21
N LEU A 28 -19.62 -27.12 17.57
CA LEU A 28 -18.21 -27.40 17.24
C LEU A 28 -17.27 -26.92 18.32
N ASN A 29 -16.10 -27.55 18.38
CA ASN A 29 -15.03 -27.13 19.28
C ASN A 29 -14.18 -26.04 18.63
N VAL A 30 -14.20 -24.85 19.23
CA VAL A 30 -13.48 -23.71 18.68
C VAL A 30 -12.42 -23.19 19.64
N VAL A 31 -11.36 -22.63 19.07
CA VAL A 31 -10.34 -21.93 19.82
C VAL A 31 -10.14 -20.58 19.14
N VAL A 32 -10.03 -19.52 19.94
CA VAL A 32 -9.71 -18.18 19.46
C VAL A 32 -8.30 -17.81 19.88
N LEU A 33 -7.44 -17.51 18.92
CA LEU A 33 -6.08 -17.07 19.22
C LEU A 33 -5.97 -15.57 19.03
N GLU A 34 -5.70 -14.87 20.13
CA GLU A 34 -5.67 -13.42 20.14
C GLU A 34 -4.27 -12.92 20.52
N ALA A 35 -3.72 -12.03 19.69
CA ALA A 35 -2.37 -11.49 19.89
C ALA A 35 -2.21 -10.67 21.16
N ARG A 36 -3.23 -9.87 21.49
CA ARG A 36 -3.17 -8.93 22.62
C ARG A 36 -3.53 -9.59 23.95
N ASP A 37 -3.34 -8.84 25.04
CA ASP A 37 -3.74 -9.28 26.37
C ASP A 37 -5.23 -8.99 26.67
N ARG A 38 -5.98 -8.65 25.63
CA ARG A 38 -7.41 -8.34 25.74
C ARG A 38 -8.11 -8.70 24.43
N VAL A 39 -9.44 -8.83 24.48
CA VAL A 39 -10.25 -8.96 23.27
C VAL A 39 -10.80 -7.58 22.87
N GLY A 40 -11.43 -7.49 21.70
CA GLY A 40 -12.04 -6.26 21.25
C GLY A 40 -11.41 -5.63 20.02
N GLY A 41 -10.10 -5.80 19.86
CA GLY A 41 -9.39 -5.27 18.70
C GLY A 41 -9.49 -3.76 18.54
N ARG A 42 -10.17 -3.35 17.47
CA ARG A 42 -10.35 -1.92 17.16
C ARG A 42 -11.46 -1.28 18.01
N THR A 43 -12.13 -2.08 18.84
CA THR A 43 -12.95 -1.55 19.92
C THR A 43 -12.21 -1.72 21.24
N TYR A 44 -12.26 -0.69 22.07
CA TYR A 44 -11.59 -0.67 23.36
C TYR A 44 -12.30 0.31 24.27
N THR A 45 -12.89 -0.21 25.33
CA THR A 45 -13.54 0.62 26.35
C THR A 45 -12.61 0.75 27.56
N LEU A 46 -12.15 1.97 27.80
CA LEU A 46 -11.36 2.26 29.00
C LEU A 46 -12.28 2.57 30.18
N ARG A 47 -11.94 2.04 31.35
CA ARG A 47 -12.69 2.32 32.58
C ARG A 47 -11.79 2.83 33.70
N ASN A 48 -12.16 3.99 34.26
CA ASN A 48 -11.54 4.55 35.45
C ASN A 48 -12.56 5.46 36.13
N GLN A 49 -12.23 5.96 37.32
CA GLN A 49 -13.18 6.72 38.13
C GLN A 49 -13.56 8.08 37.52
N LYS A 50 -12.64 8.68 36.78
CA LYS A 50 -12.85 10.00 36.19
C LYS A 50 -13.86 10.00 35.04
N VAL A 51 -13.88 8.93 34.26
CA VAL A 51 -14.74 8.86 33.06
C VAL A 51 -15.86 7.83 33.19
N LYS A 52 -15.77 6.99 34.23
CA LYS A 52 -16.59 5.79 34.40
C LYS A 52 -16.26 4.76 33.31
N TYR A 53 -16.68 5.05 32.08
CA TYR A 53 -16.27 4.27 30.91
C TYR A 53 -16.20 5.21 29.70
N VAL A 54 -15.32 4.88 28.76
CA VAL A 54 -15.23 5.62 27.48
C VAL A 54 -14.72 4.71 26.36
N ASP A 55 -15.39 4.79 25.21
CA ASP A 55 -14.93 4.09 24.00
C ASP A 55 -13.79 4.87 23.37
N LEU A 56 -12.64 4.23 23.21
CA LEU A 56 -11.47 4.84 22.57
C LEU A 56 -11.29 4.38 21.11
N GLY A 57 -12.05 3.35 20.72
CA GLY A 57 -12.09 2.89 19.34
C GLY A 57 -13.52 2.95 18.81
N GLY A 58 -13.94 1.91 18.09
CA GLY A 58 -15.31 1.83 17.58
C GLY A 58 -16.36 2.04 18.65
N SER A 59 -17.42 2.79 18.32
CA SER A 59 -18.37 3.28 19.31
C SER A 59 -19.82 3.41 18.82
N TYR A 60 -20.01 4.09 17.69
CA TYR A 60 -21.34 4.44 17.21
C TYR A 60 -22.03 3.32 16.44
N VAL A 61 -23.32 3.17 16.70
CA VAL A 61 -24.19 2.27 15.93
C VAL A 61 -25.45 3.04 15.53
N GLY A 62 -26.15 2.56 14.50
CA GLY A 62 -27.34 3.24 14.03
C GLY A 62 -28.31 2.37 13.24
N PRO A 63 -29.42 2.95 12.81
CA PRO A 63 -30.40 2.25 11.97
C PRO A 63 -29.79 1.61 10.73
N THR A 64 -30.32 0.43 10.39
CA THR A 64 -29.83 -0.49 9.33
C THR A 64 -28.62 -1.34 9.73
N GLN A 65 -28.05 -1.09 10.91
CA GLN A 65 -26.96 -1.93 11.41
C GLN A 65 -27.55 -3.04 12.28
N ASN A 66 -28.36 -3.90 11.67
CA ASN A 66 -29.22 -4.82 12.41
C ASN A 66 -28.52 -6.00 13.06
N ARG A 67 -27.38 -6.39 12.50
CA ARG A 67 -26.60 -7.52 13.01
C ARG A 67 -25.89 -7.24 14.33
N ILE A 68 -25.21 -6.09 14.42
CA ILE A 68 -24.55 -5.69 15.67
C ILE A 68 -25.59 -5.44 16.77
N LEU A 69 -26.74 -4.87 16.40
CA LEU A 69 -27.79 -4.57 17.37
C LEU A 69 -28.40 -5.84 17.95
N ARG A 70 -28.59 -6.84 17.10
CA ARG A 70 -29.14 -8.13 17.50
C ARG A 70 -28.13 -8.88 18.38
N LEU A 71 -26.87 -8.90 17.97
CA LEU A 71 -25.83 -9.56 18.75
C LEU A 71 -25.71 -8.93 20.12
N ALA A 72 -25.64 -7.60 20.16
CA ALA A 72 -25.52 -6.87 21.42
C ALA A 72 -26.71 -7.09 22.35
N LYS A 73 -27.93 -7.05 21.80
CA LYS A 73 -29.14 -7.28 22.57
C LYS A 73 -29.16 -8.68 23.19
N GLU A 74 -28.80 -9.68 22.41
CA GLU A 74 -28.70 -11.07 22.90
C GLU A 74 -27.73 -11.20 24.07
N LEU A 75 -26.67 -10.38 24.06
CA LEU A 75 -25.68 -10.37 25.12
C LEU A 75 -26.09 -9.54 26.34
N GLY A 76 -27.27 -8.91 26.27
CA GLY A 76 -27.80 -8.13 27.39
C GLY A 76 -27.46 -6.65 27.39
N LEU A 77 -27.05 -6.13 26.23
CA LEU A 77 -26.64 -4.73 26.11
C LEU A 77 -27.79 -3.83 25.64
N GLU A 78 -27.67 -2.54 25.95
CA GLU A 78 -28.66 -1.54 25.59
C GLU A 78 -27.97 -0.36 24.94
N THR A 79 -28.71 0.40 24.12
CA THR A 79 -28.18 1.61 23.50
C THR A 79 -28.84 2.86 24.07
N TYR A 80 -28.20 4.01 23.83
CA TYR A 80 -28.78 5.31 24.09
C TYR A 80 -28.46 6.26 22.93
N LYS A 81 -29.25 7.31 22.80
CA LYS A 81 -29.12 8.25 21.70
C LYS A 81 -28.06 9.32 21.95
N VAL A 82 -27.18 9.51 20.98
CA VAL A 82 -26.23 10.63 20.96
C VAL A 82 -27.00 11.95 20.93
N ASN A 83 -26.58 12.92 21.74
CA ASN A 83 -27.29 14.20 21.83
C ASN A 83 -27.31 14.99 20.53
N GLU A 84 -28.50 15.18 19.96
CA GLU A 84 -28.68 16.07 18.81
C GLU A 84 -29.94 16.94 18.96
N VAL A 85 -30.27 17.28 20.20
CA VAL A 85 -31.45 18.12 20.48
C VAL A 85 -31.23 19.57 20.01
N GLU A 86 -30.06 20.13 20.30
CA GLU A 86 -29.78 21.53 19.99
C GLU A 86 -29.08 21.70 18.64
N ARG A 87 -28.60 22.91 18.35
CA ARG A 87 -28.04 23.24 17.02
C ARG A 87 -26.65 22.68 16.77
N LEU A 88 -26.41 22.26 15.53
CA LEU A 88 -25.08 21.88 15.07
C LEU A 88 -24.32 23.15 14.68
N ILE A 89 -23.01 23.04 14.50
CA ILE A 89 -22.18 24.18 14.08
C ILE A 89 -21.33 23.82 12.87
N HIS A 90 -21.38 24.68 11.87
CA HIS A 90 -20.42 24.63 10.77
C HIS A 90 -19.48 25.81 10.92
N HIS A 91 -18.21 25.51 11.18
CA HIS A 91 -17.17 26.52 11.35
C HIS A 91 -16.33 26.58 10.09
N VAL A 92 -16.37 27.73 9.43
CA VAL A 92 -15.69 27.92 8.16
C VAL A 92 -15.12 29.35 8.07
N LYS A 93 -13.87 29.44 7.62
CA LYS A 93 -13.14 30.71 7.52
C LYS A 93 -13.09 31.49 8.84
N GLY A 94 -12.88 30.77 9.93
CA GLY A 94 -12.78 31.35 11.26
C GLY A 94 -14.07 31.85 11.88
N LYS A 95 -15.22 31.40 11.35
CA LYS A 95 -16.53 31.85 11.82
C LYS A 95 -17.50 30.67 11.99
N SER A 96 -18.35 30.73 13.02
CA SER A 96 -19.30 29.67 13.31
C SER A 96 -20.72 29.98 12.80
N TYR A 97 -21.31 29.02 12.11
CA TYR A 97 -22.67 29.16 11.59
C TYR A 97 -23.54 28.01 12.11
N PRO A 98 -24.39 28.30 13.10
CA PRO A 98 -25.28 27.29 13.67
C PRO A 98 -26.38 26.89 12.69
N PHE A 99 -26.79 25.62 12.75
CA PHE A 99 -27.82 25.10 11.85
C PHE A 99 -28.54 23.89 12.44
N ARG A 100 -29.62 23.47 11.76
CA ARG A 100 -30.38 22.27 12.12
C ARG A 100 -30.46 21.35 10.93
N GLY A 101 -30.55 20.04 11.18
CA GLY A 101 -30.61 19.05 10.14
C GLY A 101 -29.25 18.45 9.86
N PRO A 102 -29.20 17.49 8.93
CA PRO A 102 -27.96 16.74 8.65
C PRO A 102 -26.91 17.55 7.88
N PHE A 103 -27.37 18.48 7.03
CA PHE A 103 -26.51 19.22 6.12
C PHE A 103 -26.36 20.69 6.51
N PRO A 104 -25.12 21.19 6.50
CA PRO A 104 -24.88 22.63 6.67
C PRO A 104 -25.45 23.40 5.47
N PRO A 105 -26.31 24.39 5.73
CA PRO A 105 -26.97 25.12 4.64
C PRO A 105 -26.01 25.98 3.83
N VAL A 106 -26.37 26.18 2.57
CA VAL A 106 -25.60 26.98 1.62
C VAL A 106 -26.53 28.06 1.09
N TRP A 107 -26.07 29.30 1.07
CA TRP A 107 -26.94 30.42 0.67
C TRP A 107 -26.71 30.94 -0.75
N ASN A 108 -25.43 31.10 -1.14
CA ASN A 108 -25.08 31.48 -2.50
C ASN A 108 -25.68 30.49 -3.51
N PRO A 109 -26.45 31.00 -4.49
CA PRO A 109 -27.19 30.14 -5.43
C PRO A 109 -26.30 29.27 -6.31
N ILE A 110 -25.15 29.78 -6.74
CA ILE A 110 -24.19 29.00 -7.54
C ILE A 110 -23.60 27.89 -6.67
N THR A 111 -23.12 28.28 -5.49
CA THR A 111 -22.56 27.36 -4.52
C THR A 111 -23.58 26.29 -4.13
N TYR A 112 -24.84 26.70 -4.02
CA TYR A 112 -25.93 25.79 -3.71
C TYR A 112 -26.09 24.72 -4.78
N LEU A 113 -26.05 25.12 -6.04
CA LEU A 113 -26.14 24.20 -7.16
C LEU A 113 -24.95 23.22 -7.15
N ASP A 114 -23.76 23.74 -6.89
CA ASP A 114 -22.55 22.92 -6.83
C ASP A 114 -22.60 21.88 -5.71
N HIS A 115 -23.00 22.30 -4.51
CA HIS A 115 -23.13 21.42 -3.36
C HIS A 115 -24.16 20.32 -3.61
N ASN A 116 -25.34 20.72 -4.07
CA ASN A 116 -26.40 19.76 -4.37
C ASN A 116 -25.98 18.70 -5.36
N ASN A 117 -25.32 19.14 -6.44
CA ASN A 117 -24.85 18.24 -7.48
C ASN A 117 -23.79 17.25 -7.00
N PHE A 118 -22.87 17.71 -6.14
CA PHE A 118 -21.82 16.84 -5.64
C PHE A 118 -22.40 15.62 -4.91
N TRP A 119 -23.24 15.86 -3.90
CA TRP A 119 -23.82 14.81 -3.09
C TRP A 119 -24.69 13.88 -3.92
N ARG A 120 -25.49 14.47 -4.81
CA ARG A 120 -26.34 13.74 -5.73
C ARG A 120 -25.52 12.80 -6.63
N THR A 121 -24.42 13.32 -7.20
CA THR A 121 -23.57 12.56 -8.10
C THR A 121 -22.89 11.40 -7.40
N MET A 122 -22.46 11.61 -6.16
CA MET A 122 -21.86 10.54 -5.37
C MET A 122 -22.80 9.34 -5.22
N ASP A 123 -24.06 9.63 -4.89
CA ASP A 123 -25.09 8.59 -4.81
C ASP A 123 -25.44 8.02 -6.18
N ASP A 124 -25.50 8.88 -7.21
CA ASP A 124 -25.74 8.47 -8.60
C ASP A 124 -24.71 7.42 -9.06
N MET A 125 -23.45 7.75 -8.85
CA MET A 125 -22.34 6.87 -9.22
C MET A 125 -22.37 5.57 -8.41
N GLY A 126 -22.71 5.67 -7.12
CA GLY A 126 -22.83 4.52 -6.24
C GLY A 126 -23.84 3.47 -6.67
N ARG A 127 -24.94 3.92 -7.29
CA ARG A 127 -25.99 3.02 -7.76
C ARG A 127 -25.52 2.08 -8.87
N GLU A 128 -24.40 2.45 -9.50
CA GLU A 128 -23.83 1.63 -10.55
C GLU A 128 -22.81 0.60 -10.03
N ILE A 129 -22.57 0.61 -8.72
CA ILE A 129 -21.55 -0.25 -8.10
C ILE A 129 -22.19 -1.34 -7.25
N PRO A 130 -22.06 -2.60 -7.66
CA PRO A 130 -22.57 -3.73 -6.86
C PRO A 130 -21.85 -3.83 -5.52
N SER A 131 -22.62 -3.97 -4.43
CA SER A 131 -22.07 -4.05 -3.08
C SER A 131 -21.11 -5.22 -2.88
N ASP A 132 -21.45 -6.36 -3.48
CA ASP A 132 -20.67 -7.58 -3.32
C ASP A 132 -19.56 -7.76 -4.37
N ALA A 133 -19.48 -6.81 -5.32
CA ALA A 133 -18.49 -6.88 -6.40
C ALA A 133 -18.29 -5.52 -7.09
N PRO A 134 -17.66 -4.57 -6.40
CA PRO A 134 -17.45 -3.22 -6.96
C PRO A 134 -16.64 -3.21 -8.25
N TRP A 135 -15.74 -4.18 -8.43
CA TRP A 135 -14.97 -4.34 -9.67
C TRP A 135 -15.83 -4.67 -10.89
N LYS A 136 -17.11 -4.97 -10.68
CA LYS A 136 -18.04 -5.24 -11.79
C LYS A 136 -18.81 -4.01 -12.26
N ALA A 137 -18.62 -2.87 -11.60
CA ALA A 137 -19.23 -1.61 -12.08
C ALA A 137 -18.84 -1.36 -13.55
N PRO A 138 -19.78 -0.91 -14.38
CA PRO A 138 -19.51 -0.67 -15.81
C PRO A 138 -18.27 0.19 -16.09
N LEU A 139 -18.04 1.22 -15.29
CA LEU A 139 -16.86 2.07 -15.45
C LEU A 139 -15.82 1.82 -14.34
N ALA A 140 -15.73 0.58 -13.89
CA ALA A 140 -14.86 0.21 -12.76
C ALA A 140 -13.42 0.68 -12.94
N GLU A 141 -12.82 0.33 -14.08
CA GLU A 141 -11.41 0.65 -14.34
C GLU A 141 -11.17 2.16 -14.37
N GLU A 142 -12.00 2.89 -15.10
CA GLU A 142 -11.92 4.35 -15.19
C GLU A 142 -11.97 5.03 -13.81
N TRP A 143 -12.89 4.59 -12.97
CA TRP A 143 -13.05 5.19 -11.63
C TRP A 143 -11.96 4.75 -10.66
N ASP A 144 -11.45 3.53 -10.86
CA ASP A 144 -10.38 2.99 -10.02
C ASP A 144 -9.00 3.58 -10.31
N ASN A 145 -8.80 4.10 -11.53
CA ASN A 145 -7.53 4.67 -11.94
C ASN A 145 -7.42 6.16 -11.60
N MET A 146 -8.35 6.61 -10.77
CA MET A 146 -8.54 8.00 -10.39
C MET A 146 -8.52 8.07 -8.88
N THR A 147 -7.90 9.09 -8.30
CA THR A 147 -8.05 9.34 -6.88
C THR A 147 -9.34 10.14 -6.63
N MET A 148 -9.79 10.15 -5.38
CA MET A 148 -10.91 11.01 -4.99
C MET A 148 -10.59 12.49 -5.24
N LYS A 149 -9.32 12.85 -5.09
CA LYS A 149 -8.86 14.21 -5.37
C LYS A 149 -9.13 14.63 -6.83
N GLU A 150 -8.77 13.76 -7.78
CA GLU A 150 -9.07 13.97 -9.20
C GLU A 150 -10.56 14.09 -9.45
N LEU A 151 -11.36 13.21 -8.85
CA LEU A 151 -12.81 13.26 -9.00
C LEU A 151 -13.41 14.56 -8.47
N LEU A 152 -12.94 15.00 -7.31
CA LEU A 152 -13.38 16.27 -6.72
C LEU A 152 -13.03 17.48 -7.60
N ASP A 153 -11.80 17.50 -8.12
CA ASP A 153 -11.34 18.56 -9.01
C ASP A 153 -12.23 18.70 -10.27
N LYS A 154 -12.71 17.56 -10.77
CA LYS A 154 -13.58 17.52 -11.94
C LYS A 154 -15.02 17.95 -11.64
N LEU A 155 -15.51 17.56 -10.47
CA LEU A 155 -16.93 17.71 -10.13
C LEU A 155 -17.28 19.05 -9.49
N CYS A 156 -16.41 19.55 -8.62
CA CYS A 156 -16.69 20.72 -7.81
C CYS A 156 -16.24 22.00 -8.50
N TRP A 157 -17.22 22.87 -8.80
CA TRP A 157 -16.96 24.13 -9.50
C TRP A 157 -16.74 25.32 -8.56
N THR A 158 -16.94 25.08 -7.26
CA THR A 158 -16.62 26.07 -6.23
C THR A 158 -15.67 25.48 -5.21
N GLU A 159 -14.81 26.33 -4.65
CA GLU A 159 -13.91 25.92 -3.58
C GLU A 159 -14.67 25.48 -2.33
N SER A 160 -15.83 26.10 -2.10
CA SER A 160 -16.67 25.79 -0.95
C SER A 160 -17.12 24.33 -0.95
N ALA A 161 -17.60 23.86 -2.10
CA ALA A 161 -18.02 22.47 -2.24
C ALA A 161 -16.84 21.50 -2.15
N LYS A 162 -15.72 21.88 -2.74
CA LYS A 162 -14.52 21.05 -2.72
C LYS A 162 -13.96 20.89 -1.30
N GLN A 163 -14.00 21.97 -0.52
CA GLN A 163 -13.52 21.94 0.87
C GLN A 163 -14.35 20.99 1.74
N LEU A 164 -15.67 21.08 1.63
CA LEU A 164 -16.58 20.24 2.40
C LEU A 164 -16.49 18.78 1.98
N ALA A 165 -16.44 18.54 0.66
CA ALA A 165 -16.24 17.21 0.11
C ALA A 165 -14.94 16.57 0.60
N THR A 166 -13.88 17.38 0.68
CA THR A 166 -12.57 16.94 1.18
C THR A 166 -12.66 16.53 2.65
N LEU A 167 -13.30 17.37 3.46
CA LEU A 167 -13.51 17.06 4.88
C LEU A 167 -14.29 15.75 5.01
N PHE A 168 -15.33 15.61 4.20
CA PHE A 168 -16.14 14.40 4.15
C PHE A 168 -15.31 13.14 3.91
N VAL A 169 -14.43 13.17 2.90
CA VAL A 169 -13.55 12.04 2.64
C VAL A 169 -12.63 11.75 3.83
N ASN A 170 -11.95 12.79 4.34
CA ASN A 170 -11.07 12.64 5.52
C ASN A 170 -11.76 11.97 6.70
N LEU A 171 -13.00 12.41 6.98
CA LEU A 171 -13.77 11.91 8.11
C LEU A 171 -14.27 10.48 7.91
N CYS A 172 -14.67 10.15 6.68
CA CYS A 172 -15.22 8.83 6.38
C CYS A 172 -14.21 7.70 6.45
N VAL A 173 -13.01 7.95 5.93
CA VAL A 173 -12.04 6.88 5.71
C VAL A 173 -10.63 7.20 6.23
N THR A 174 -10.53 8.24 7.07
CA THR A 174 -9.26 8.68 7.72
C THR A 174 -8.05 8.69 6.80
N ALA A 175 -8.25 9.19 5.59
CA ALA A 175 -7.19 9.29 4.60
C ALA A 175 -7.41 10.54 3.76
N GLU A 176 -6.36 10.96 3.07
CA GLU A 176 -6.42 12.11 2.19
C GLU A 176 -7.10 11.75 0.87
N THR A 177 -7.70 12.75 0.20
CA THR A 177 -8.39 12.53 -1.07
C THR A 177 -7.46 11.98 -2.15
N HIS A 178 -6.20 12.41 -2.12
CA HIS A 178 -5.20 11.95 -3.09
C HIS A 178 -4.64 10.54 -2.83
N GLU A 179 -4.97 9.96 -1.67
CA GLU A 179 -4.47 8.64 -1.28
C GLU A 179 -5.37 7.48 -1.72
N VAL A 180 -6.65 7.77 -1.92
CA VAL A 180 -7.65 6.74 -2.11
C VAL A 180 -8.25 6.70 -3.52
N SER A 181 -8.55 5.48 -3.99
CA SER A 181 -9.25 5.28 -5.26
C SER A 181 -10.67 5.86 -5.21
N ALA A 182 -11.10 6.47 -6.31
CA ALA A 182 -12.46 6.97 -6.43
C ALA A 182 -13.48 5.84 -6.40
N LEU A 183 -13.23 4.78 -7.18
CA LEU A 183 -14.11 3.60 -7.19
C LEU A 183 -14.30 3.01 -5.80
N TRP A 184 -13.20 2.84 -5.06
CA TRP A 184 -13.28 2.30 -3.71
C TRP A 184 -14.10 3.20 -2.77
N PHE A 185 -13.85 4.49 -2.82
CA PHE A 185 -14.57 5.41 -1.93
C PHE A 185 -16.07 5.47 -2.23
N LEU A 186 -16.42 5.45 -3.52
CA LEU A 186 -17.81 5.44 -3.93
C LEU A 186 -18.51 4.13 -3.55
N TRP A 187 -17.79 3.01 -3.62
CA TRP A 187 -18.32 1.75 -3.13
C TRP A 187 -18.55 1.84 -1.62
N TYR A 188 -17.57 2.36 -0.90
CA TYR A 188 -17.62 2.45 0.56
C TYR A 188 -18.84 3.19 1.08
N VAL A 189 -19.15 4.34 0.49
CA VAL A 189 -20.31 5.13 0.88
C VAL A 189 -21.61 4.41 0.53
N LYS A 190 -21.68 3.87 -0.68
CA LYS A 190 -22.85 3.15 -1.17
C LYS A 190 -23.22 1.94 -0.29
N GLN A 191 -22.22 1.16 0.12
CA GLN A 191 -22.49 -0.05 0.92
C GLN A 191 -22.88 0.27 2.38
N CYS A 192 -22.80 1.55 2.75
CA CYS A 192 -23.35 2.02 4.03
C CYS A 192 -24.76 2.61 3.87
N GLY A 193 -25.30 2.55 2.66
CA GLY A 193 -26.64 3.08 2.40
C GLY A 193 -26.70 4.49 1.81
N GLY A 194 -25.53 5.05 1.48
CA GLY A 194 -25.47 6.36 0.83
C GLY A 194 -24.98 7.50 1.73
N THR A 195 -24.83 8.69 1.13
CA THR A 195 -24.26 9.85 1.83
C THR A 195 -25.04 10.28 3.07
N THR A 196 -26.37 10.39 2.94
CA THR A 196 -27.22 10.81 4.06
C THR A 196 -27.10 9.84 5.24
N ARG A 197 -27.25 8.55 4.98
CA ARG A 197 -27.17 7.54 6.01
C ARG A 197 -25.82 7.55 6.73
N ILE A 198 -24.74 7.66 5.96
CA ILE A 198 -23.40 7.58 6.56
C ILE A 198 -23.04 8.79 7.41
N ILE A 199 -23.50 9.98 7.03
CA ILE A 199 -23.12 11.21 7.74
C ILE A 199 -24.05 11.60 8.89
N SER A 200 -25.26 11.05 8.91
CA SER A 200 -26.26 11.51 9.85
C SER A 200 -26.07 10.96 11.26
N THR A 201 -26.45 11.76 12.24
CA THR A 201 -26.59 11.29 13.61
C THR A 201 -27.98 10.68 13.73
N THR A 202 -29.00 11.53 13.90
CA THR A 202 -30.40 11.08 13.83
C THR A 202 -30.65 10.38 12.49
N ASN A 203 -31.16 9.15 12.55
CA ASN A 203 -31.42 8.32 11.37
C ASN A 203 -30.17 7.87 10.60
N GLY A 204 -29.01 7.92 11.24
CA GLY A 204 -27.78 7.54 10.57
C GLY A 204 -26.79 6.75 11.40
N GLY A 205 -25.57 6.64 10.88
CA GLY A 205 -24.52 5.85 11.50
C GLY A 205 -24.09 6.28 12.88
N GLN A 206 -24.29 7.55 13.22
CA GLN A 206 -23.84 8.07 14.52
C GLN A 206 -24.98 8.24 15.53
N GLU A 207 -26.11 7.56 15.30
CA GLU A 207 -27.30 7.77 16.15
C GLU A 207 -27.11 7.37 17.61
N ARG A 208 -26.45 6.23 17.83
CA ARG A 208 -26.43 5.63 19.16
C ARG A 208 -25.07 5.11 19.60
N LYS A 209 -24.95 4.88 20.90
CA LYS A 209 -23.81 4.18 21.51
C LYS A 209 -24.35 3.14 22.48
N PHE A 210 -23.49 2.18 22.85
CA PHE A 210 -23.86 1.18 23.84
C PHE A 210 -23.65 1.70 25.26
N VAL A 211 -24.65 1.46 26.11
CA VAL A 211 -24.53 1.75 27.54
C VAL A 211 -23.43 0.85 28.12
N GLY A 212 -22.38 1.47 28.66
CA GLY A 212 -21.26 0.74 29.23
C GLY A 212 -20.10 0.51 28.27
N GLY A 213 -20.27 0.89 27.00
CA GLY A 213 -19.21 0.76 26.01
C GLY A 213 -19.34 -0.43 25.07
N SER A 214 -18.79 -0.27 23.86
CA SER A 214 -18.86 -1.32 22.84
C SER A 214 -17.92 -2.50 23.11
N GLY A 215 -16.93 -2.28 23.98
CA GLY A 215 -15.97 -3.33 24.32
C GLY A 215 -16.63 -4.51 25.01
N GLN A 216 -17.83 -4.28 25.54
CA GLN A 216 -18.62 -5.32 26.20
C GLN A 216 -19.07 -6.42 25.24
N VAL A 217 -19.20 -6.10 23.95
CA VAL A 217 -19.58 -7.09 22.96
C VAL A 217 -18.57 -8.25 22.94
N SER A 218 -17.30 -7.93 22.77
CA SER A 218 -16.24 -8.93 22.73
C SER A 218 -16.02 -9.58 24.10
N GLU A 219 -16.08 -8.77 25.16
CA GLU A 219 -15.87 -9.27 26.53
C GLU A 219 -16.91 -10.32 26.93
N ARG A 220 -18.17 -10.06 26.59
CA ARG A 220 -19.26 -10.96 26.96
C ARG A 220 -19.26 -12.26 26.16
N ILE A 221 -18.82 -12.20 24.90
CA ILE A 221 -18.65 -13.43 24.13
C ILE A 221 -17.51 -14.27 24.71
N MET A 222 -16.42 -13.61 25.12
CA MET A 222 -15.32 -14.27 25.82
C MET A 222 -15.81 -15.00 27.08
N ASP A 223 -16.71 -14.34 27.83
CA ASP A 223 -17.29 -14.95 29.02
C ASP A 223 -18.03 -16.24 28.68
N LEU A 224 -18.76 -16.22 27.57
CA LEU A 224 -19.51 -17.40 27.10
C LEU A 224 -18.60 -18.53 26.61
N LEU A 225 -17.45 -18.17 26.03
CA LEU A 225 -16.54 -19.16 25.46
C LEU A 225 -15.57 -19.72 26.50
N GLY A 226 -15.38 -18.99 27.60
CA GLY A 226 -14.50 -19.39 28.68
C GLY A 226 -13.04 -19.51 28.27
N ASP A 227 -12.47 -20.68 28.56
CA ASP A 227 -11.04 -20.95 28.33
C ASP A 227 -10.68 -21.22 26.86
N ARG A 228 -11.67 -21.16 25.98
CA ARG A 228 -11.46 -21.35 24.54
C ARG A 228 -10.73 -20.16 23.90
N VAL A 229 -10.79 -19.00 24.57
CA VAL A 229 -10.09 -17.80 24.12
C VAL A 229 -8.70 -17.76 24.74
N LYS A 230 -7.67 -17.74 23.89
CA LYS A 230 -6.29 -17.67 24.34
C LYS A 230 -5.69 -16.29 24.07
N LEU A 231 -5.46 -15.54 25.15
CA LEU A 231 -4.87 -14.21 25.06
C LEU A 231 -3.35 -14.27 25.01
N GLU A 232 -2.75 -13.26 24.38
CA GLU A 232 -1.29 -13.19 24.15
C GLU A 232 -0.76 -14.39 23.37
N ARG A 233 -1.49 -14.76 22.33
CA ARG A 233 -1.09 -15.79 21.39
C ARG A 233 -1.11 -15.24 19.96
N PRO A 234 -0.09 -14.44 19.59
CA PRO A 234 0.03 -13.96 18.21
C PRO A 234 0.37 -15.14 17.30
N VAL A 235 -0.39 -15.31 16.23
CA VAL A 235 -0.14 -16.37 15.26
C VAL A 235 1.01 -15.94 14.35
N ILE A 236 1.96 -16.86 14.15
CA ILE A 236 3.15 -16.59 13.35
C ILE A 236 3.29 -17.50 12.12
N TYR A 237 2.55 -18.62 12.11
CA TYR A 237 2.80 -19.69 11.16
C TYR A 237 1.55 -20.55 10.96
N ILE A 238 1.16 -20.72 9.70
CA ILE A 238 0.07 -21.62 9.34
C ILE A 238 0.55 -22.64 8.29
N ASP A 239 0.39 -23.92 8.61
CA ASP A 239 0.84 -25.02 7.76
C ASP A 239 -0.37 -25.82 7.27
N GLN A 240 -0.53 -25.88 5.95
CA GLN A 240 -1.66 -26.59 5.32
C GLN A 240 -1.24 -27.79 4.45
N THR A 241 -0.01 -28.27 4.62
CA THR A 241 0.51 -29.37 3.81
C THR A 241 -0.01 -30.75 4.22
N ARG A 242 -0.46 -30.86 5.47
CA ARG A 242 -0.88 -32.15 6.03
C ARG A 242 -2.41 -32.28 6.12
N GLU A 243 -2.85 -33.41 6.67
CA GLU A 243 -4.28 -33.72 6.84
C GLU A 243 -5.02 -32.66 7.67
N ASN A 244 -4.45 -32.32 8.82
CA ASN A 244 -4.98 -31.26 9.67
C ASN A 244 -4.14 -30.00 9.54
N VAL A 245 -4.79 -28.84 9.65
CA VAL A 245 -4.10 -27.55 9.59
C VAL A 245 -3.35 -27.31 10.90
N LEU A 246 -2.10 -26.89 10.79
CA LEU A 246 -1.28 -26.56 11.96
C LEU A 246 -1.13 -25.05 12.09
N VAL A 247 -1.42 -24.54 13.29
CA VAL A 247 -1.31 -23.12 13.58
C VAL A 247 -0.36 -22.91 14.76
N GLU A 248 0.71 -22.16 14.52
CA GLU A 248 1.72 -21.89 15.54
C GLU A 248 1.68 -20.44 16.04
N THR A 249 1.89 -20.27 17.34
CA THR A 249 1.94 -18.94 17.96
C THR A 249 3.36 -18.54 18.34
N LEU A 250 3.53 -17.26 18.66
CA LEU A 250 4.83 -16.69 19.04
C LEU A 250 5.45 -17.32 20.29
N ASN A 251 4.61 -17.66 21.27
CA ASN A 251 5.06 -18.30 22.49
C ASN A 251 5.19 -19.84 22.37
N HIS A 252 5.31 -20.30 21.12
CA HIS A 252 5.60 -21.70 20.78
C HIS A 252 4.52 -22.74 21.09
N GLU A 253 3.26 -22.33 21.04
CA GLU A 253 2.16 -23.27 21.16
C GLU A 253 1.71 -23.72 19.77
N MET A 254 1.29 -24.99 19.67
CA MET A 254 0.80 -25.54 18.41
C MET A 254 -0.67 -25.90 18.51
N TYR A 255 -1.45 -25.50 17.52
CA TYR A 255 -2.86 -25.83 17.46
C TYR A 255 -3.19 -26.56 16.17
N GLU A 256 -4.03 -27.58 16.29
CA GLU A 256 -4.43 -28.41 15.16
C GLU A 256 -5.93 -28.31 14.93
N ALA A 257 -6.35 -28.11 13.68
CA ALA A 257 -7.75 -27.92 13.35
C ALA A 257 -8.10 -28.40 11.95
N LYS A 258 -9.39 -28.58 11.70
CA LYS A 258 -9.87 -28.89 10.35
C LYS A 258 -9.87 -27.64 9.47
N TYR A 259 -10.24 -26.50 10.06
CA TYR A 259 -10.34 -25.24 9.34
C TYR A 259 -9.85 -24.05 10.16
N VAL A 260 -9.50 -22.98 9.47
CA VAL A 260 -9.07 -21.74 10.10
C VAL A 260 -9.90 -20.56 9.58
N ILE A 261 -10.32 -19.68 10.49
CA ILE A 261 -10.87 -18.39 10.09
C ILE A 261 -9.82 -17.32 10.43
N SER A 262 -9.44 -16.55 9.42
CA SER A 262 -8.57 -15.40 9.60
C SER A 262 -9.45 -14.16 9.82
N ALA A 263 -9.52 -13.69 11.05
CA ALA A 263 -10.38 -12.55 11.39
C ALA A 263 -9.56 -11.29 11.75
N ILE A 264 -8.53 -11.03 10.95
CA ILE A 264 -7.63 -9.89 11.13
C ILE A 264 -7.67 -8.98 9.89
N PRO A 265 -7.31 -7.71 10.04
CA PRO A 265 -7.19 -6.80 8.89
C PRO A 265 -6.29 -7.40 7.81
N PRO A 266 -6.70 -7.34 6.54
CA PRO A 266 -6.00 -8.02 5.44
C PRO A 266 -4.48 -7.87 5.46
N THR A 267 -3.97 -6.66 5.63
CA THR A 267 -2.52 -6.45 5.62
C THR A 267 -1.78 -7.14 6.78
N LEU A 268 -2.47 -7.32 7.90
CA LEU A 268 -1.87 -8.01 9.06
C LEU A 268 -1.63 -9.50 8.81
N GLY A 269 -2.18 -10.03 7.71
CA GLY A 269 -1.84 -11.35 7.22
C GLY A 269 -0.36 -11.50 6.91
N MET A 270 0.32 -10.37 6.67
CA MET A 270 1.76 -10.34 6.42
C MET A 270 2.59 -10.87 7.59
N LYS A 271 2.05 -10.74 8.80
CA LYS A 271 2.72 -11.19 10.03
C LYS A 271 2.75 -12.72 10.16
N ILE A 272 2.04 -13.41 9.28
CA ILE A 272 2.00 -14.87 9.30
C ILE A 272 2.83 -15.43 8.16
N HIS A 273 3.63 -16.45 8.47
CA HIS A 273 4.39 -17.17 7.46
C HIS A 273 3.57 -18.38 7.03
N PHE A 274 3.38 -18.52 5.73
CA PHE A 274 2.48 -19.56 5.20
C PHE A 274 3.23 -20.69 4.51
N ASN A 275 2.73 -21.91 4.73
CA ASN A 275 3.22 -23.11 4.06
C ASN A 275 2.02 -23.97 3.66
N PRO A 276 1.78 -24.15 2.36
CA PRO A 276 2.63 -23.60 1.28
C PRO A 276 2.44 -22.08 1.15
N PRO A 277 3.27 -21.40 0.36
CA PRO A 277 3.11 -19.95 0.18
C PRO A 277 1.71 -19.59 -0.34
N LEU A 278 1.23 -18.41 0.03
CA LEU A 278 -0.06 -17.93 -0.50
C LEU A 278 -0.05 -17.90 -2.03
N PRO A 279 -1.21 -18.05 -2.67
CA PRO A 279 -1.29 -17.86 -4.12
C PRO A 279 -0.87 -16.42 -4.46
N MET A 280 -0.35 -16.27 -5.66
CA MET A 280 0.25 -15.00 -6.12
C MET A 280 -0.60 -13.75 -5.83
N MET A 281 -1.89 -13.81 -6.15
CA MET A 281 -2.73 -12.62 -6.03
C MET A 281 -2.91 -12.16 -4.58
N ARG A 282 -3.15 -13.09 -3.66
CA ARG A 282 -3.24 -12.73 -2.25
C ARG A 282 -1.89 -12.28 -1.67
N ASN A 283 -0.81 -12.96 -2.04
CA ASN A 283 0.54 -12.59 -1.62
C ASN A 283 0.86 -11.11 -1.86
N GLN A 284 0.47 -10.60 -3.03
CA GLN A 284 0.67 -9.20 -3.37
C GLN A 284 -0.42 -8.28 -2.80
N MET A 285 -1.66 -8.75 -2.77
CA MET A 285 -2.78 -7.95 -2.24
C MET A 285 -2.52 -7.42 -0.84
N ILE A 286 -1.97 -8.27 0.04
CA ILE A 286 -1.81 -7.94 1.45
C ILE A 286 -0.69 -6.93 1.72
N THR A 287 0.03 -6.54 0.67
CA THR A 287 1.03 -5.47 0.76
C THR A 287 0.50 -4.17 0.18
N ARG A 288 -0.74 -4.20 -0.32
CA ARG A 288 -1.31 -3.08 -1.06
C ARG A 288 -2.48 -2.39 -0.36
N VAL A 289 -2.78 -2.81 0.87
CA VAL A 289 -4.02 -2.39 1.53
C VAL A 289 -3.81 -1.84 2.95
N PRO A 290 -3.39 -0.58 3.05
CA PRO A 290 -3.10 0.05 4.35
C PRO A 290 -4.37 0.49 5.08
N LEU A 291 -4.24 0.75 6.39
CA LEU A 291 -5.33 1.32 7.18
C LEU A 291 -5.09 2.82 7.40
N GLY A 292 -6.16 3.56 7.68
CA GLY A 292 -6.08 5.00 7.84
C GLY A 292 -5.43 5.47 9.13
N SER A 293 -5.34 6.78 9.29
CA SER A 293 -4.65 7.39 10.44
C SER A 293 -5.60 8.28 11.22
N VAL A 294 -5.71 8.03 12.52
CA VAL A 294 -6.63 8.78 13.37
C VAL A 294 -6.22 8.77 14.84
N ILE A 295 -6.46 9.90 15.52
CA ILE A 295 -6.42 9.97 16.98
C ILE A 295 -7.82 10.34 17.47
N LYS A 296 -8.35 9.52 18.37
CA LYS A 296 -9.64 9.80 18.98
C LYS A 296 -9.40 10.46 20.33
N CYS A 297 -9.96 11.66 20.51
CA CYS A 297 -9.70 12.48 21.70
C CYS A 297 -11.00 12.86 22.42
N ILE A 298 -11.00 12.73 23.75
CA ILE A 298 -12.17 13.09 24.54
C ILE A 298 -11.78 14.08 25.66
N VAL A 299 -12.35 15.29 25.57
CA VAL A 299 -12.11 16.33 26.57
C VAL A 299 -13.32 16.42 27.51
N TYR A 300 -13.05 16.33 28.81
CA TYR A 300 -14.11 16.29 29.82
C TYR A 300 -14.28 17.65 30.50
N TYR A 301 -15.53 17.96 30.84
CA TYR A 301 -15.87 19.22 31.49
C TYR A 301 -16.79 19.01 32.69
N LYS A 302 -16.88 20.03 33.54
CA LYS A 302 -17.76 20.00 34.70
C LYS A 302 -19.23 19.84 34.30
N GLU A 303 -19.63 20.56 33.26
CA GLU A 303 -21.01 20.54 32.75
C GLU A 303 -21.04 20.61 31.22
N PRO A 304 -22.12 20.12 30.59
CA PRO A 304 -22.28 20.26 29.15
C PRO A 304 -22.73 21.68 28.78
N PHE A 305 -21.82 22.62 28.97
CA PHE A 305 -22.11 24.06 28.86
C PHE A 305 -22.62 24.52 27.49
N TRP A 306 -22.25 23.79 26.44
CA TRP A 306 -22.66 24.12 25.06
C TRP A 306 -24.16 24.08 24.86
N ARG A 307 -24.83 23.19 25.61
CA ARG A 307 -26.29 23.03 25.56
C ARG A 307 -27.04 24.29 25.99
N LYS A 308 -26.49 25.00 26.99
CA LYS A 308 -27.06 26.26 27.47
C LYS A 308 -27.05 27.37 26.41
N LYS A 309 -26.12 27.26 25.46
CA LYS A 309 -26.05 28.17 24.30
C LYS A 309 -26.82 27.63 23.10
N ASP A 310 -27.60 26.57 23.32
CA ASP A 310 -28.37 25.91 22.27
C ASP A 310 -27.45 25.30 21.19
N TYR A 311 -26.35 24.69 21.63
CA TYR A 311 -25.51 23.87 20.76
C TYR A 311 -25.52 22.43 21.26
N CYS A 312 -25.73 21.47 20.36
CA CYS A 312 -25.76 20.07 20.75
C CYS A 312 -24.37 19.50 21.03
N GLY A 313 -23.34 20.12 20.44
CA GLY A 313 -21.97 19.68 20.62
C GLY A 313 -21.36 19.14 19.34
N THR A 314 -22.16 19.05 18.29
CA THR A 314 -21.66 18.67 16.96
C THR A 314 -21.02 19.88 16.31
N MET A 315 -19.77 19.72 15.88
CA MET A 315 -19.05 20.77 15.16
C MET A 315 -18.42 20.17 13.91
N ILE A 316 -18.62 20.85 12.78
CA ILE A 316 -17.92 20.55 11.52
C ILE A 316 -16.97 21.72 11.29
N ILE A 317 -15.68 21.44 11.41
CA ILE A 317 -14.65 22.48 11.47
C ILE A 317 -13.70 22.40 10.27
N ASP A 318 -13.81 23.39 9.38
CA ASP A 318 -12.98 23.44 8.18
C ASP A 318 -11.67 24.19 8.42
N GLY A 319 -10.67 23.88 7.61
CA GLY A 319 -9.40 24.59 7.66
C GLY A 319 -8.22 23.75 8.11
N GLU A 320 -7.05 24.09 7.59
CA GLU A 320 -5.81 23.38 7.87
C GLU A 320 -5.34 23.56 9.32
N GLU A 321 -5.60 24.74 9.88
CA GLU A 321 -5.15 25.09 11.24
C GLU A 321 -5.84 24.28 12.34
N ALA A 322 -7.09 23.91 12.11
CA ALA A 322 -7.88 23.16 13.08
C ALA A 322 -7.39 21.71 13.23
N PRO A 323 -6.93 21.34 14.42
CA PRO A 323 -6.47 19.98 14.69
C PRO A 323 -7.59 18.93 14.56
N VAL A 324 -8.81 19.30 14.97
CA VAL A 324 -9.98 18.43 14.90
C VAL A 324 -10.97 18.96 13.86
N ALA A 325 -11.45 18.08 12.99
CA ALA A 325 -12.40 18.49 11.94
C ALA A 325 -13.86 18.16 12.26
N TYR A 326 -14.08 17.31 13.27
CA TYR A 326 -15.43 16.86 13.62
C TYR A 326 -15.54 16.44 15.08
N THR A 327 -16.60 16.90 15.75
CA THR A 327 -16.88 16.55 17.14
C THR A 327 -18.31 16.09 17.35
N LEU A 328 -18.52 15.37 18.46
CA LEU A 328 -19.86 15.03 18.94
C LEU A 328 -19.89 15.13 20.46
N ASP A 329 -21.07 15.42 21.00
CA ASP A 329 -21.33 15.35 22.44
C ASP A 329 -21.07 13.92 22.92
N ASP A 330 -20.23 13.75 23.94
CA ASP A 330 -19.95 12.42 24.49
C ASP A 330 -20.38 12.28 25.97
N THR A 331 -21.23 13.20 26.42
CA THR A 331 -21.85 13.14 27.73
C THR A 331 -22.63 11.84 27.93
N LYS A 332 -22.61 11.31 29.16
CA LYS A 332 -23.38 10.10 29.51
C LYS A 332 -24.88 10.38 29.40
N PRO A 333 -25.69 9.35 29.15
CA PRO A 333 -27.13 9.52 28.97
C PRO A 333 -27.81 10.14 30.21
N GLU A 334 -27.20 9.95 31.37
CA GLU A 334 -27.71 10.50 32.63
C GLU A 334 -27.46 12.01 32.75
N GLY A 335 -26.56 12.54 31.90
CA GLY A 335 -26.28 13.96 31.86
C GLY A 335 -25.03 14.38 32.59
N ASN A 336 -24.31 13.40 33.15
CA ASN A 336 -23.03 13.67 33.83
C ASN A 336 -21.82 13.19 33.02
N TYR A 337 -20.62 13.41 33.57
CA TYR A 337 -19.37 13.19 32.83
C TYR A 337 -19.39 13.90 31.47
N ALA A 338 -19.74 15.19 31.50
CA ALA A 338 -19.81 16.02 30.30
C ALA A 338 -18.52 15.94 29.50
N ALA A 339 -18.64 15.73 28.19
CA ALA A 339 -17.48 15.51 27.35
C ALA A 339 -17.72 15.84 25.90
N ILE A 340 -16.65 16.25 25.21
CA ILE A 340 -16.65 16.41 23.77
C ILE A 340 -15.67 15.38 23.17
N MET A 341 -16.15 14.61 22.20
CA MET A 341 -15.33 13.69 21.43
C MET A 341 -14.93 14.35 20.10
N GLY A 342 -13.64 14.28 19.75
CA GLY A 342 -13.17 14.76 18.47
C GLY A 342 -12.19 13.82 17.79
N PHE A 343 -12.16 13.85 16.45
CA PHE A 343 -11.22 13.06 15.66
C PHE A 343 -10.12 13.93 15.06
N ILE A 344 -8.87 13.52 15.23
CA ILE A 344 -7.76 14.14 14.51
C ILE A 344 -7.43 13.22 13.34
N LEU A 345 -7.59 13.73 12.13
CA LEU A 345 -7.68 12.90 10.93
C LEU A 345 -6.49 12.94 9.99
N ALA A 346 -6.15 11.76 9.45
CA ALA A 346 -5.20 11.60 8.35
C ALA A 346 -3.86 12.28 8.60
N HIS A 347 -3.44 13.21 7.73
CA HIS A 347 -2.13 13.85 7.88
C HIS A 347 -1.95 14.63 9.20
N LYS A 348 -3.04 15.12 9.76
CA LYS A 348 -2.98 15.83 11.05
C LYS A 348 -2.70 14.89 12.22
N ALA A 349 -3.15 13.64 12.12
CA ALA A 349 -2.84 12.62 13.10
C ALA A 349 -1.33 12.38 13.16
N ARG A 350 -0.71 12.29 11.99
CA ARG A 350 0.74 12.12 11.88
C ARG A 350 1.51 13.35 12.36
N LYS A 351 1.02 14.53 12.01
CA LYS A 351 1.65 15.80 12.38
C LYS A 351 1.60 16.08 13.89
N LEU A 352 0.43 15.91 14.49
CA LEU A 352 0.23 16.26 15.90
C LEU A 352 0.61 15.16 16.90
N ALA A 353 0.95 13.98 16.40
CA ALA A 353 1.44 12.90 17.24
C ALA A 353 2.80 13.20 17.87
N ARG A 354 3.53 14.13 17.26
CA ARG A 354 4.85 14.56 17.73
C ARG A 354 4.78 15.32 19.06
N LEU A 355 3.65 15.97 19.30
CA LEU A 355 3.43 16.76 20.50
C LEU A 355 3.15 15.86 21.71
N THR A 356 3.19 16.45 22.91
CA THR A 356 2.80 15.74 24.11
C THR A 356 1.27 15.74 24.24
N LYS A 357 0.77 14.89 25.14
CA LYS A 357 -0.65 14.81 25.47
C LYS A 357 -1.20 16.16 25.96
N GLU A 358 -0.41 16.84 26.81
CA GLU A 358 -0.78 18.14 27.37
C GLU A 358 -0.87 19.21 26.28
N GLU A 359 0.07 19.16 25.34
CA GLU A 359 0.11 20.08 24.21
C GLU A 359 -1.09 19.90 23.28
N ARG A 360 -1.50 18.65 23.07
CA ARG A 360 -2.69 18.35 22.26
C ARG A 360 -3.98 18.80 22.95
N LEU A 361 -4.06 18.57 24.27
CA LEU A 361 -5.21 19.01 25.06
C LEU A 361 -5.42 20.52 24.93
N LYS A 362 -4.32 21.27 25.01
CA LYS A 362 -4.35 22.72 24.92
C LYS A 362 -4.87 23.20 23.57
N LYS A 363 -4.37 22.60 22.48
CA LYS A 363 -4.80 22.93 21.13
C LYS A 363 -6.30 22.67 20.91
N LEU A 364 -6.80 21.56 21.45
CA LEU A 364 -8.21 21.21 21.32
C LEU A 364 -9.11 22.20 22.07
N CYS A 365 -8.71 22.54 23.29
CA CYS A 365 -9.50 23.46 24.11
C CYS A 365 -9.59 24.84 23.49
N GLU A 366 -8.47 25.33 22.97
CA GLU A 366 -8.43 26.64 22.33
C GLU A 366 -9.27 26.68 21.05
N LEU A 367 -9.27 25.58 20.30
CA LEU A 367 -10.15 25.43 19.16
C LEU A 367 -11.63 25.43 19.58
N TYR A 368 -11.98 24.62 20.57
CA TYR A 368 -13.38 24.50 21.03
C TYR A 368 -13.90 25.82 21.61
N ALA A 369 -13.03 26.53 22.31
CA ALA A 369 -13.38 27.86 22.84
C ALA A 369 -13.77 28.79 21.70
N LYS A 370 -12.99 28.76 20.63
CA LYS A 370 -13.23 29.54 19.43
C LYS A 370 -14.55 29.18 18.75
N VAL A 371 -14.74 27.89 18.49
CA VAL A 371 -15.90 27.41 17.73
C VAL A 371 -17.22 27.58 18.49
N LEU A 372 -17.20 27.25 19.79
CA LEU A 372 -18.39 27.37 20.64
C LEU A 372 -18.58 28.78 21.20
N GLY A 373 -17.60 29.65 20.97
CA GLY A 373 -17.59 30.99 21.52
C GLY A 373 -17.70 31.02 23.04
N SER A 374 -16.96 30.13 23.70
CA SER A 374 -17.11 29.93 25.15
C SER A 374 -15.77 29.79 25.87
N LEU A 375 -15.51 30.69 26.82
CA LEU A 375 -14.35 30.59 27.70
C LEU A 375 -14.32 29.32 28.56
N GLU A 376 -15.49 28.75 28.84
CA GLU A 376 -15.58 27.52 29.64
C GLU A 376 -14.84 26.34 29.00
N ALA A 377 -14.72 26.36 27.67
CA ALA A 377 -14.00 25.31 26.94
C ALA A 377 -12.53 25.25 27.33
N LEU A 378 -12.03 26.31 27.96
CA LEU A 378 -10.62 26.39 28.38
C LEU A 378 -10.35 25.77 29.75
N GLU A 379 -11.38 25.22 30.39
CA GLU A 379 -11.21 24.60 31.72
C GLU A 379 -11.61 23.12 31.76
N PRO A 380 -10.86 22.26 31.08
CA PRO A 380 -11.15 20.83 31.11
C PRO A 380 -10.87 20.24 32.49
N VAL A 381 -11.60 19.19 32.87
CA VAL A 381 -11.37 18.50 34.14
C VAL A 381 -10.59 17.21 33.94
N HIS A 382 -10.63 16.69 32.71
CA HIS A 382 -9.98 15.43 32.35
C HIS A 382 -9.79 15.31 30.83
N TYR A 383 -8.91 14.42 30.41
CA TYR A 383 -8.63 14.19 29.00
C TYR A 383 -8.22 12.74 28.77
N GLU A 384 -8.80 12.11 27.76
CA GLU A 384 -8.36 10.80 27.30
C GLU A 384 -8.20 10.81 25.79
N GLU A 385 -7.23 10.04 25.30
CA GLU A 385 -6.97 9.95 23.85
C GLU A 385 -6.37 8.60 23.47
N LYS A 386 -6.48 8.25 22.19
CA LYS A 386 -5.82 7.07 21.65
C LYS A 386 -5.42 7.26 20.19
N ASN A 387 -4.13 7.12 19.94
CA ASN A 387 -3.59 7.15 18.59
C ASN A 387 -3.53 5.72 18.06
N TRP A 388 -4.36 5.40 17.08
CA TRP A 388 -4.43 4.04 16.55
C TRP A 388 -3.30 3.66 15.57
N CYS A 389 -2.56 4.66 15.11
CA CYS A 389 -1.43 4.45 14.19
C CYS A 389 -0.27 3.67 14.82
N GLU A 390 -0.21 3.66 16.16
CA GLU A 390 0.91 3.04 16.87
C GLU A 390 0.68 1.56 17.19
N GLU A 391 -0.53 1.07 16.91
CA GLU A 391 -0.90 -0.32 17.24
C GLU A 391 -0.39 -1.36 16.24
N GLN A 392 0.56 -2.18 16.71
CA GLN A 392 1.15 -3.25 15.91
C GLN A 392 0.09 -4.24 15.37
N TYR A 393 -0.95 -4.50 16.17
CA TYR A 393 -1.96 -5.50 15.80
C TYR A 393 -3.28 -4.89 15.32
N SER A 394 -3.25 -3.62 14.93
CA SER A 394 -4.35 -2.99 14.19
C SER A 394 -3.84 -2.40 12.87
N GLY A 395 -2.77 -1.61 12.94
CA GLY A 395 -2.18 -0.95 11.78
C GLY A 395 -2.74 0.43 11.51
N GLY A 396 -3.82 0.79 12.22
CA GLY A 396 -4.51 2.05 12.03
C GLY A 396 -6.00 1.93 12.34
N CYS A 397 -6.76 2.96 11.98
CA CYS A 397 -8.22 3.00 12.13
C CYS A 397 -8.79 4.08 11.18
N TYR A 398 -10.09 4.02 10.84
CA TYR A 398 -11.02 2.99 11.31
C TYR A 398 -10.82 1.66 10.59
N THR A 399 -10.42 1.75 9.33
CA THR A 399 -10.39 0.58 8.47
C THR A 399 -9.39 0.68 7.32
N THR A 400 -9.37 -0.37 6.51
CA THR A 400 -8.52 -0.48 5.34
C THR A 400 -9.04 0.36 4.19
N TYR A 401 -8.17 1.16 3.58
CA TYR A 401 -8.51 1.85 2.33
C TYR A 401 -7.76 1.26 1.13
N PHE A 402 -8.27 1.51 -0.07
CA PHE A 402 -7.65 1.00 -1.29
C PHE A 402 -7.12 2.18 -2.11
N PRO A 403 -5.80 2.21 -2.36
CA PRO A 403 -5.21 3.21 -3.24
C PRO A 403 -5.62 2.94 -4.70
N PRO A 404 -5.41 3.92 -5.60
CA PRO A 404 -5.80 3.75 -7.01
C PRO A 404 -5.20 2.53 -7.69
N GLY A 405 -6.06 1.80 -8.40
CA GLY A 405 -5.67 0.65 -9.19
C GLY A 405 -5.80 -0.70 -8.50
N ILE A 406 -6.01 -0.71 -7.19
CA ILE A 406 -5.91 -1.93 -6.40
C ILE A 406 -7.19 -2.76 -6.39
N LEU A 407 -8.33 -2.11 -6.14
CA LEU A 407 -9.63 -2.79 -6.03
C LEU A 407 -10.02 -3.61 -7.27
N THR A 408 -9.77 -3.07 -8.47
CA THR A 408 -10.09 -3.82 -9.70
C THR A 408 -9.14 -4.99 -9.97
N GLN A 409 -7.89 -4.82 -9.56
CA GLN A 409 -6.87 -5.84 -9.79
C GLN A 409 -6.86 -6.95 -8.74
N TYR A 410 -7.11 -6.59 -7.48
CA TYR A 410 -6.94 -7.53 -6.36
C TYR A 410 -8.20 -7.76 -5.52
N GLY A 411 -9.23 -6.95 -5.75
CA GLY A 411 -10.44 -6.95 -4.93
C GLY A 411 -11.18 -8.26 -4.82
N ARG A 412 -11.21 -9.04 -5.90
CA ARG A 412 -11.95 -10.30 -5.92
C ARG A 412 -11.33 -11.40 -5.04
N VAL A 413 -10.11 -11.16 -4.55
CA VAL A 413 -9.39 -12.14 -3.75
C VAL A 413 -9.61 -11.94 -2.22
N LEU A 414 -10.19 -10.81 -1.83
CA LEU A 414 -10.38 -10.44 -0.43
C LEU A 414 -10.97 -11.54 0.47
N ARG A 415 -12.08 -12.15 0.05
CA ARG A 415 -12.71 -13.22 0.84
C ARG A 415 -12.73 -14.59 0.16
N GLN A 416 -11.87 -14.76 -0.85
CA GLN A 416 -11.66 -16.05 -1.49
C GLN A 416 -10.86 -16.97 -0.57
N PRO A 417 -11.41 -18.14 -0.23
CA PRO A 417 -10.74 -19.10 0.64
C PRO A 417 -9.41 -19.58 0.07
N VAL A 418 -8.43 -19.82 0.94
CA VAL A 418 -7.16 -20.41 0.54
C VAL A 418 -7.09 -21.79 1.18
N ASP A 419 -7.50 -22.80 0.41
CA ASP A 419 -7.59 -24.19 0.87
C ASP A 419 -8.57 -24.29 2.06
N ARG A 420 -8.05 -24.39 3.27
CA ARG A 420 -8.90 -24.50 4.46
C ARG A 420 -8.92 -23.25 5.35
N ILE A 421 -8.36 -22.14 4.84
CA ILE A 421 -8.46 -20.85 5.50
C ILE A 421 -9.59 -20.01 4.89
N TYR A 422 -10.48 -19.53 5.74
CA TYR A 422 -11.59 -18.67 5.33
C TYR A 422 -11.40 -17.29 5.95
N PHE A 423 -11.92 -16.26 5.31
CA PHE A 423 -11.59 -14.88 5.70
C PHE A 423 -12.78 -14.08 6.22
N ALA A 424 -12.64 -13.61 7.45
CA ALA A 424 -13.63 -12.76 8.08
C ALA A 424 -13.02 -11.36 8.21
N GLY A 425 -13.46 -10.60 9.21
CA GLY A 425 -12.99 -9.24 9.41
C GLY A 425 -13.83 -8.26 8.64
N THR A 426 -14.05 -7.09 9.23
CA THR A 426 -15.00 -6.12 8.66
C THR A 426 -14.71 -5.74 7.20
N GLU A 427 -13.45 -5.84 6.79
CA GLU A 427 -13.05 -5.50 5.42
C GLU A 427 -13.66 -6.41 4.35
N THR A 428 -14.12 -7.60 4.74
CA THR A 428 -14.74 -8.54 3.81
C THR A 428 -16.26 -8.48 3.78
N ALA A 429 -16.86 -7.57 4.56
CA ALA A 429 -18.32 -7.39 4.56
C ALA A 429 -18.84 -6.71 3.30
N THR A 430 -20.15 -6.81 3.07
CA THR A 430 -20.81 -6.18 1.93
C THR A 430 -21.80 -5.08 2.33
N HIS A 431 -22.04 -4.96 3.64
CA HIS A 431 -22.95 -3.94 4.18
C HIS A 431 -22.34 -3.39 5.48
N TRP A 432 -22.06 -2.09 5.48
CA TRP A 432 -21.32 -1.43 6.58
C TRP A 432 -19.94 -2.05 6.83
N SER A 433 -19.29 -2.47 5.75
CA SER A 433 -17.86 -2.81 5.81
C SER A 433 -17.09 -1.61 6.36
N GLY A 434 -16.14 -1.89 7.26
CA GLY A 434 -15.42 -0.85 7.98
C GLY A 434 -15.92 -0.59 9.39
N TYR A 435 -17.13 -1.08 9.69
CA TYR A 435 -17.82 -0.85 10.96
C TYR A 435 -17.93 -2.12 11.80
N MET A 436 -18.41 -1.98 13.03
CA MET A 436 -18.72 -3.12 13.89
C MET A 436 -19.79 -4.03 13.25
N GLU A 437 -20.79 -3.42 12.62
CA GLU A 437 -21.81 -4.16 11.86
C GLU A 437 -21.20 -5.09 10.80
N GLY A 438 -20.26 -4.57 10.01
CA GLY A 438 -19.56 -5.36 9.01
C GLY A 438 -18.74 -6.51 9.59
N ALA A 439 -18.19 -6.30 10.79
CA ALA A 439 -17.44 -7.35 11.48
C ALA A 439 -18.34 -8.54 11.83
N VAL A 440 -19.56 -8.26 12.27
CA VAL A 440 -20.53 -9.31 12.60
C VAL A 440 -20.93 -10.08 11.35
N GLU A 441 -21.31 -9.36 10.30
CA GLU A 441 -21.67 -9.97 9.01
C GLU A 441 -20.58 -10.90 8.48
N ALA A 442 -19.33 -10.41 8.49
CA ALA A 442 -18.19 -11.16 7.94
C ALA A 442 -17.85 -12.40 8.75
N GLY A 443 -17.83 -12.25 10.07
CA GLY A 443 -17.55 -13.37 10.98
C GLY A 443 -18.56 -14.50 10.88
N GLU A 444 -19.84 -14.14 10.90
CA GLU A 444 -20.93 -15.11 10.80
C GLU A 444 -21.02 -15.77 9.42
N ARG A 445 -20.73 -14.99 8.37
CA ARG A 445 -20.67 -15.52 7.01
C ARG A 445 -19.52 -16.52 6.84
N ALA A 446 -18.34 -16.17 7.37
CA ALA A 446 -17.18 -17.06 7.30
C ALA A 446 -17.40 -18.37 8.07
N ALA A 447 -18.04 -18.27 9.23
CA ALA A 447 -18.39 -19.43 10.04
C ALA A 447 -19.34 -20.37 9.28
N ARG A 448 -20.30 -19.80 8.57
CA ARG A 448 -21.26 -20.57 7.78
C ARG A 448 -20.63 -21.20 6.54
N GLU A 449 -19.62 -20.56 5.97
CA GLU A 449 -18.85 -21.14 4.86
C GLU A 449 -18.21 -22.46 5.29
N ILE A 450 -17.70 -22.50 6.52
CA ILE A 450 -17.11 -23.71 7.09
C ILE A 450 -18.18 -24.77 7.38
N LEU A 451 -19.33 -24.34 7.90
CA LEU A 451 -20.45 -25.25 8.16
C LEU A 451 -20.90 -25.92 6.87
N HIS A 452 -20.92 -25.16 5.77
CA HIS A 452 -21.26 -25.69 4.46
C HIS A 452 -20.19 -26.68 3.98
N ALA A 453 -18.92 -26.33 4.19
CA ALA A 453 -17.80 -27.22 3.84
C ALA A 453 -17.86 -28.55 4.59
N MET A 454 -18.43 -28.53 5.79
CA MET A 454 -18.58 -29.76 6.59
C MET A 454 -19.86 -30.53 6.26
N GLY A 455 -20.65 -30.01 5.33
CA GLY A 455 -21.91 -30.61 4.93
C GLY A 455 -23.03 -30.48 5.95
N LYS A 456 -22.98 -29.42 6.77
CA LYS A 456 -23.96 -29.22 7.84
C LYS A 456 -25.12 -28.30 7.46
N ILE A 457 -24.88 -27.42 6.48
CA ILE A 457 -25.93 -26.54 5.96
C ILE A 457 -25.85 -26.48 4.43
N PRO A 458 -26.97 -26.21 3.76
CA PRO A 458 -26.98 -26.03 2.30
C PRO A 458 -26.29 -24.73 1.88
N GLU A 459 -25.86 -24.66 0.61
CA GLU A 459 -25.14 -23.51 0.07
C GLU A 459 -25.89 -22.17 0.25
N ASP A 460 -27.20 -22.19 0.07
CA ASP A 460 -28.01 -20.97 0.11
C ASP A 460 -28.20 -20.38 1.51
N GLU A 461 -27.59 -21.01 2.52
CA GLU A 461 -27.66 -20.51 3.88
C GLU A 461 -26.36 -19.84 4.37
N ILE A 462 -25.36 -19.76 3.49
CA ILE A 462 -24.09 -19.09 3.78
C ILE A 462 -24.30 -17.58 4.00
N TRP A 463 -25.03 -16.96 3.08
CA TRP A 463 -25.40 -15.55 3.21
C TRP A 463 -26.82 -15.44 3.77
N GLN A 464 -26.94 -14.82 4.93
CA GLN A 464 -28.21 -14.73 5.65
C GLN A 464 -28.63 -13.29 5.85
N SER A 465 -29.88 -12.98 5.49
CA SER A 465 -30.45 -11.66 5.73
C SER A 465 -30.79 -11.48 7.22
N GLU A 466 -30.92 -10.23 7.65
CA GLU A 466 -31.16 -9.89 9.04
C GLU A 466 -32.47 -9.12 9.20
N PRO A 467 -33.34 -9.57 10.11
CA PRO A 467 -34.58 -8.85 10.43
C PRO A 467 -34.27 -7.49 11.06
N GLU A 468 -35.05 -6.47 10.73
CA GLU A 468 -34.87 -5.12 11.26
C GLU A 468 -35.06 -5.08 12.77
N SER A 469 -34.19 -4.33 13.45
CA SER A 469 -34.30 -4.07 14.88
C SER A 469 -35.63 -3.36 15.20
N VAL A 470 -36.30 -3.79 16.26
CA VAL A 470 -37.52 -3.13 16.72
C VAL A 470 -37.20 -1.92 17.61
N ASP A 471 -36.01 -1.94 18.20
CA ASP A 471 -35.56 -0.87 19.10
C ASP A 471 -34.98 0.33 18.34
N VAL A 472 -34.35 0.06 17.19
CA VAL A 472 -33.73 1.09 16.37
C VAL A 472 -34.25 1.00 14.92
N PRO A 473 -35.46 1.52 14.69
CA PRO A 473 -36.07 1.45 13.36
C PRO A 473 -35.47 2.48 12.40
N ALA A 474 -35.51 2.18 11.11
CA ALA A 474 -34.91 3.05 10.10
C ALA A 474 -35.94 3.79 9.27
N GLN A 475 -35.88 5.12 9.31
CA GLN A 475 -36.64 5.96 8.38
C GLN A 475 -35.97 5.84 7.02
N PRO A 476 -36.76 5.84 5.93
CA PRO A 476 -36.19 5.82 4.58
C PRO A 476 -35.52 7.15 4.26
N ILE A 477 -34.55 7.11 3.35
CA ILE A 477 -33.87 8.33 2.89
C ILE A 477 -34.65 8.97 1.76
N THR A 478 -35.05 10.23 1.95
CA THR A 478 -35.87 10.95 0.98
C THR A 478 -35.12 12.10 0.32
N THR A 479 -35.48 12.40 -0.92
CA THR A 479 -35.02 13.60 -1.62
C THR A 479 -36.21 14.47 -1.99
N THR A 480 -35.98 15.79 -2.11
CA THR A 480 -37.03 16.69 -2.59
C THR A 480 -37.00 16.75 -4.11
N PHE A 481 -38.06 17.30 -4.70
CA PHE A 481 -38.17 17.48 -6.14
C PHE A 481 -37.03 18.34 -6.69
N LEU A 482 -36.73 19.45 -6.01
CA LEU A 482 -35.69 20.37 -6.43
C LEU A 482 -34.29 19.73 -6.37
N GLU A 483 -34.04 18.95 -5.32
CA GLU A 483 -32.76 18.27 -5.14
C GLU A 483 -32.43 17.33 -6.30
N ARG A 484 -33.46 16.66 -6.82
CA ARG A 484 -33.30 15.72 -7.93
C ARG A 484 -33.09 16.38 -9.30
N HIS A 485 -33.76 17.50 -9.53
CA HIS A 485 -33.82 18.09 -10.88
C HIS A 485 -33.09 19.42 -11.11
N LEU A 486 -32.62 20.06 -10.04
CA LEU A 486 -31.82 21.27 -10.18
C LEU A 486 -30.53 20.93 -10.96
N PRO A 487 -30.13 21.79 -11.88
CA PRO A 487 -28.94 21.54 -12.70
C PRO A 487 -27.64 21.72 -11.92
N SER A 488 -26.57 21.11 -12.44
CA SER A 488 -25.21 21.37 -11.95
C SER A 488 -24.75 22.74 -12.47
N VAL A 489 -23.57 23.17 -12.05
CA VAL A 489 -23.00 24.43 -12.55
C VAL A 489 -22.76 24.38 -14.08
N PRO A 490 -22.04 23.37 -14.58
CA PRO A 490 -21.86 23.22 -16.04
C PRO A 490 -23.19 23.01 -16.79
N GLY A 491 -24.17 22.40 -16.13
CA GLY A 491 -25.51 22.23 -16.68
C GLY A 491 -26.25 23.54 -16.87
N LEU A 492 -26.14 24.44 -15.90
CA LEU A 492 -26.73 25.78 -16.00
C LEU A 492 -26.05 26.62 -17.09
N LEU A 493 -24.72 26.50 -17.17
CA LEU A 493 -23.94 27.20 -18.19
C LEU A 493 -24.29 26.73 -19.60
N ARG A 494 -24.60 25.44 -19.72
CA ARG A 494 -25.05 24.84 -20.98
C ARG A 494 -26.41 25.40 -21.38
N LEU A 495 -27.30 25.56 -20.40
CA LEU A 495 -28.63 26.13 -20.61
C LEU A 495 -28.57 27.62 -20.97
N ILE A 496 -27.48 28.28 -20.57
CA ILE A 496 -27.23 29.67 -20.95
C ILE A 496 -26.66 29.74 -22.39
N GLY A 497 -25.87 28.75 -22.76
CA GLY A 497 -25.30 28.67 -24.10
C GLY A 497 -26.28 28.38 -25.21
N LEU A 498 -27.47 27.87 -24.87
CA LEU A 498 -28.49 27.49 -25.85
C LEU A 498 -29.54 28.56 -26.13
N THR A 499 -29.87 29.34 -25.10
CA THR A 499 -30.79 30.47 -25.23
C THR A 499 -30.13 31.62 -26.00
N THR A 500 -28.82 31.78 -25.80
CA THR A 500 -28.03 32.79 -26.52
C THR A 500 -27.54 32.27 -27.88
N ILE A 501 -28.34 31.42 -28.51
CA ILE A 501 -28.00 30.84 -29.82
C ILE A 501 -29.24 30.65 -30.70
N ASN B 3 24.47 -18.68 18.24
CA ASN B 3 23.94 -17.94 19.41
C ASN B 3 24.41 -16.48 19.44
N LYS B 4 25.65 -16.25 19.89
CA LYS B 4 26.14 -14.89 20.14
C LYS B 4 27.09 -14.38 19.07
N CYS B 5 26.94 -13.09 18.73
CA CYS B 5 27.78 -12.42 17.75
C CYS B 5 27.71 -10.90 17.93
N ASP B 6 28.41 -10.16 17.09
CA ASP B 6 28.36 -8.69 17.13
C ASP B 6 27.15 -8.14 16.37
N VAL B 7 26.94 -8.63 15.14
CA VAL B 7 25.87 -8.13 14.28
C VAL B 7 25.10 -9.26 13.59
N VAL B 8 23.78 -9.22 13.71
CA VAL B 8 22.91 -10.10 12.92
C VAL B 8 22.42 -9.32 11.70
N VAL B 9 22.63 -9.90 10.52
CA VAL B 9 22.10 -9.35 9.29
C VAL B 9 20.90 -10.18 8.86
N VAL B 10 19.74 -9.52 8.77
CA VAL B 10 18.53 -10.19 8.31
C VAL B 10 18.39 -10.01 6.81
N GLY B 11 18.55 -11.11 6.07
CA GLY B 11 18.45 -11.09 4.62
C GLY B 11 19.78 -11.32 3.91
N GLY B 12 19.81 -12.31 3.03
CA GLY B 12 21.01 -12.68 2.31
C GLY B 12 20.99 -12.36 0.82
N GLY B 13 20.40 -11.22 0.45
CA GLY B 13 20.52 -10.71 -0.91
C GLY B 13 21.81 -9.93 -1.03
N ILE B 14 21.99 -9.22 -2.13
CA ILE B 14 23.22 -8.45 -2.35
C ILE B 14 23.50 -7.42 -1.23
N SER B 15 22.46 -6.74 -0.77
CA SER B 15 22.61 -5.72 0.27
C SER B 15 23.09 -6.31 1.60
N GLY B 16 22.42 -7.37 2.05
CA GLY B 16 22.80 -8.08 3.27
C GLY B 16 24.18 -8.70 3.20
N MET B 17 24.50 -9.32 2.06
CA MET B 17 25.82 -9.91 1.84
C MET B 17 26.94 -8.88 1.81
N ALA B 18 26.71 -7.76 1.12
CA ALA B 18 27.69 -6.67 1.07
C ALA B 18 27.98 -6.08 2.45
N ALA B 19 26.92 -5.94 3.25
CA ALA B 19 27.03 -5.44 4.62
C ALA B 19 27.83 -6.42 5.48
N ALA B 20 27.48 -7.71 5.37
CA ALA B 20 28.14 -8.76 6.13
C ALA B 20 29.63 -8.87 5.79
N LYS B 21 29.94 -8.80 4.49
CA LYS B 21 31.33 -8.79 4.03
C LYS B 21 32.13 -7.62 4.61
N LEU B 22 31.57 -6.41 4.55
CA LEU B 22 32.24 -5.23 5.10
C LEU B 22 32.56 -5.40 6.59
N LEU B 23 31.58 -5.83 7.37
CA LEU B 23 31.74 -6.02 8.81
C LEU B 23 32.74 -7.13 9.13
N HIS B 24 32.65 -8.23 8.40
CA HIS B 24 33.57 -9.36 8.54
C HIS B 24 35.01 -8.94 8.25
N ASP B 25 35.21 -8.15 7.20
CA ASP B 25 36.52 -7.60 6.85
C ASP B 25 37.05 -6.63 7.92
N SER B 26 36.14 -5.99 8.66
CA SER B 26 36.51 -5.08 9.74
C SER B 26 36.91 -5.80 11.03
N GLY B 27 36.65 -7.11 11.08
CA GLY B 27 37.03 -7.94 12.21
C GLY B 27 35.91 -8.29 13.16
N LEU B 28 34.67 -7.99 12.81
CA LEU B 28 33.53 -8.30 13.67
C LEU B 28 32.95 -9.68 13.35
N ASN B 29 32.29 -10.27 14.36
CA ASN B 29 31.60 -11.54 14.20
C ASN B 29 30.17 -11.31 13.69
N VAL B 30 29.90 -11.78 12.47
CA VAL B 30 28.61 -11.56 11.84
C VAL B 30 27.88 -12.86 11.56
N VAL B 31 26.56 -12.79 11.61
CA VAL B 31 25.70 -13.89 11.21
C VAL B 31 24.67 -13.32 10.23
N VAL B 32 24.41 -14.06 9.15
CA VAL B 32 23.40 -13.70 8.18
C VAL B 32 22.25 -14.69 8.30
N LEU B 33 21.06 -14.18 8.58
CA LEU B 33 19.86 -15.02 8.62
C LEU B 33 19.03 -14.85 7.35
N GLU B 34 18.93 -15.94 6.58
CA GLU B 34 18.26 -15.93 5.28
C GLU B 34 17.04 -16.86 5.29
N ALA B 35 15.90 -16.33 4.88
CA ALA B 35 14.63 -17.08 4.87
C ALA B 35 14.61 -18.27 3.90
N ARG B 36 15.21 -18.08 2.72
CA ARG B 36 15.18 -19.09 1.65
C ARG B 36 16.27 -20.15 1.81
N ASP B 37 16.20 -21.18 0.97
CA ASP B 37 17.22 -22.21 0.90
C ASP B 37 18.38 -21.82 -0.03
N ARG B 38 18.46 -20.53 -0.37
CA ARG B 38 19.53 -19.98 -1.21
C ARG B 38 19.78 -18.51 -0.86
N VAL B 39 20.93 -17.99 -1.27
CA VAL B 39 21.20 -16.55 -1.19
C VAL B 39 20.86 -15.89 -2.53
N GLY B 40 20.88 -14.55 -2.57
CA GLY B 40 20.67 -13.84 -3.82
C GLY B 40 19.41 -12.99 -3.89
N GLY B 41 18.35 -13.43 -3.20
CA GLY B 41 17.10 -12.70 -3.14
C GLY B 41 16.47 -12.42 -4.50
N ARG B 42 16.44 -11.14 -4.88
CA ARG B 42 15.87 -10.74 -6.16
C ARG B 42 16.81 -10.99 -7.36
N THR B 43 18.02 -11.49 -7.09
CA THR B 43 18.85 -12.07 -8.13
C THR B 43 18.80 -13.58 -7.98
N TYR B 44 18.72 -14.27 -9.11
CA TYR B 44 18.68 -15.72 -9.15
C TYR B 44 19.20 -16.20 -10.50
N THR B 45 20.31 -16.93 -10.48
CA THR B 45 20.87 -17.53 -11.69
C THR B 45 20.53 -19.02 -11.73
N LEU B 46 19.75 -19.40 -12.72
CA LEU B 46 19.41 -20.81 -12.94
C LEU B 46 20.46 -21.45 -13.86
N ARG B 47 20.86 -22.68 -13.51
CA ARG B 47 21.81 -23.42 -14.33
C ARG B 47 21.27 -24.79 -14.73
N ASN B 48 21.30 -25.07 -16.02
CA ASN B 48 21.00 -26.38 -16.59
C ASN B 48 21.67 -26.51 -17.94
N GLN B 49 21.64 -27.71 -18.51
CA GLN B 49 22.39 -27.99 -19.73
C GLN B 49 21.86 -27.21 -20.95
N LYS B 50 20.56 -26.94 -20.96
CA LYS B 50 19.93 -26.27 -22.09
C LYS B 50 20.32 -24.78 -22.22
N VAL B 51 20.50 -24.12 -21.09
CA VAL B 51 20.77 -22.67 -21.08
C VAL B 51 22.19 -22.34 -20.64
N LYS B 52 22.88 -23.34 -20.08
CA LYS B 52 24.13 -23.17 -19.34
C LYS B 52 23.90 -22.38 -18.05
N TYR B 53 23.64 -21.08 -18.19
CA TYR B 53 23.20 -20.24 -17.07
C TYR B 53 22.27 -19.16 -17.60
N VAL B 54 21.32 -18.73 -16.77
CA VAL B 54 20.46 -17.60 -17.11
C VAL B 54 20.01 -16.84 -15.86
N ASP B 55 20.06 -15.51 -15.93
CA ASP B 55 19.57 -14.66 -14.86
C ASP B 55 18.06 -14.55 -14.97
N LEU B 56 17.35 -14.92 -13.91
CA LEU B 56 15.89 -14.86 -13.87
C LEU B 56 15.40 -13.66 -13.06
N GLY B 57 16.31 -13.02 -12.33
CA GLY B 57 16.03 -11.79 -11.61
C GLY B 57 16.92 -10.66 -12.11
N GLY B 58 17.45 -9.85 -11.19
CA GLY B 58 18.39 -8.80 -11.52
C GLY B 58 19.58 -9.29 -12.33
N SER B 59 19.98 -8.51 -13.35
CA SER B 59 20.93 -8.98 -14.36
C SER B 59 21.86 -7.89 -14.92
N TYR B 60 21.29 -6.76 -15.33
CA TYR B 60 22.03 -5.73 -16.06
C TYR B 60 22.79 -4.77 -15.15
N VAL B 61 24.00 -4.42 -15.59
CA VAL B 61 24.82 -3.39 -14.97
C VAL B 61 25.38 -2.46 -16.05
N GLY B 62 25.77 -1.25 -15.66
CA GLY B 62 26.27 -0.29 -16.61
C GLY B 62 27.12 0.81 -16.00
N PRO B 63 27.61 1.72 -16.86
CA PRO B 63 28.40 2.87 -16.41
C PRO B 63 27.71 3.69 -15.32
N THR B 64 28.53 4.16 -14.37
CA THR B 64 28.14 4.88 -13.13
C THR B 64 27.67 3.98 -11.99
N GLN B 65 27.54 2.68 -12.26
CA GLN B 65 27.23 1.72 -11.21
C GLN B 65 28.53 1.15 -10.65
N ASN B 66 29.35 2.03 -10.07
CA ASN B 66 30.72 1.70 -9.71
C ASN B 66 30.91 0.76 -8.52
N ARG B 67 29.93 0.73 -7.62
CA ARG B 67 29.97 -0.09 -6.42
C ARG B 67 29.76 -1.59 -6.70
N ILE B 68 28.74 -1.91 -7.49
CA ILE B 68 28.50 -3.31 -7.88
C ILE B 68 29.65 -3.84 -8.75
N LEU B 69 30.17 -2.99 -9.63
CA LEU B 69 31.29 -3.37 -10.50
C LEU B 69 32.57 -3.67 -9.70
N ARG B 70 32.85 -2.84 -8.70
CA ARG B 70 34.01 -3.03 -7.83
C ARG B 70 33.88 -4.30 -6.98
N LEU B 71 32.72 -4.47 -6.36
CA LEU B 71 32.46 -5.66 -5.54
C LEU B 71 32.57 -6.93 -6.39
N ALA B 72 31.97 -6.93 -7.57
CA ALA B 72 32.01 -8.07 -8.46
C ALA B 72 33.43 -8.41 -8.93
N LYS B 73 34.19 -7.37 -9.31
CA LYS B 73 35.58 -7.54 -9.73
C LYS B 73 36.45 -8.18 -8.62
N GLU B 74 36.32 -7.66 -7.40
CA GLU B 74 37.01 -8.21 -6.24
C GLU B 74 36.70 -9.69 -6.01
N LEU B 75 35.49 -10.09 -6.35
CA LEU B 75 35.07 -11.48 -6.23
C LEU B 75 35.49 -12.35 -7.42
N GLY B 76 36.16 -11.75 -8.41
CA GLY B 76 36.69 -12.48 -9.54
C GLY B 76 35.75 -12.59 -10.73
N LEU B 77 34.74 -11.72 -10.77
CA LEU B 77 33.76 -11.72 -11.85
C LEU B 77 34.12 -10.74 -12.97
N GLU B 78 33.59 -11.03 -14.16
CA GLU B 78 33.82 -10.23 -15.37
C GLU B 78 32.49 -9.91 -16.04
N THR B 79 32.45 -8.82 -16.80
CA THR B 79 31.25 -8.44 -17.56
C THR B 79 31.45 -8.62 -19.07
N TYR B 80 30.34 -8.65 -19.78
CA TYR B 80 30.33 -8.59 -21.24
C TYR B 80 29.22 -7.67 -21.71
N LYS B 81 29.33 -7.19 -22.94
CA LYS B 81 28.39 -6.20 -23.49
C LYS B 81 27.16 -6.83 -24.10
N VAL B 82 25.98 -6.33 -23.70
CA VAL B 82 24.71 -6.69 -24.31
C VAL B 82 24.75 -6.27 -25.79
N ASN B 83 24.29 -7.15 -26.67
CA ASN B 83 24.35 -6.89 -28.12
C ASN B 83 23.51 -5.68 -28.54
N GLU B 84 24.19 -4.65 -29.04
CA GLU B 84 23.52 -3.50 -29.65
C GLU B 84 24.22 -3.04 -30.94
N VAL B 85 24.84 -3.99 -31.65
CA VAL B 85 25.53 -3.69 -32.91
C VAL B 85 24.53 -3.30 -34.02
N GLU B 86 23.45 -4.06 -34.16
CA GLU B 86 22.48 -3.86 -35.24
C GLU B 86 21.32 -2.92 -34.84
N ARG B 87 20.29 -2.82 -35.67
CA ARG B 87 19.20 -1.86 -35.45
C ARG B 87 18.22 -2.30 -34.37
N LEU B 88 17.72 -1.31 -33.61
CA LEU B 88 16.62 -1.49 -32.68
C LEU B 88 15.30 -1.44 -33.45
N ILE B 89 14.21 -1.91 -32.83
CA ILE B 89 12.88 -1.86 -33.44
C ILE B 89 11.88 -1.15 -32.54
N HIS B 90 11.15 -0.19 -33.11
CA HIS B 90 9.97 0.35 -32.46
C HIS B 90 8.75 -0.17 -33.20
N HIS B 91 7.96 -0.98 -32.51
CA HIS B 91 6.74 -1.55 -33.07
C HIS B 91 5.53 -0.79 -32.53
N VAL B 92 4.81 -0.11 -33.42
CA VAL B 92 3.68 0.72 -33.04
C VAL B 92 2.56 0.60 -34.08
N LYS B 93 1.33 0.48 -33.59
CA LYS B 93 0.15 0.28 -34.45
C LYS B 93 0.33 -0.88 -35.43
N GLY B 94 0.88 -1.99 -34.93
CA GLY B 94 1.04 -3.20 -35.71
C GLY B 94 2.10 -3.17 -36.79
N LYS B 95 3.06 -2.24 -36.67
CA LYS B 95 4.09 -2.07 -37.68
C LYS B 95 5.47 -1.82 -37.05
N SER B 96 6.50 -2.39 -37.66
CA SER B 96 7.88 -2.28 -37.13
C SER B 96 8.70 -1.19 -37.83
N TYR B 97 9.32 -0.33 -37.03
CA TYR B 97 10.16 0.75 -37.53
C TYR B 97 11.58 0.64 -36.94
N PRO B 98 12.51 0.14 -37.75
CA PRO B 98 13.90 -0.02 -37.30
C PRO B 98 14.60 1.33 -37.15
N PHE B 99 15.48 1.42 -36.16
CA PHE B 99 16.20 2.66 -35.88
C PHE B 99 17.54 2.42 -35.18
N ARG B 100 18.34 3.48 -35.11
CA ARG B 100 19.62 3.45 -34.40
C ARG B 100 19.64 4.52 -33.33
N GLY B 101 20.38 4.28 -32.26
CA GLY B 101 20.47 5.22 -31.15
C GLY B 101 19.52 4.84 -30.02
N PRO B 102 19.54 5.61 -28.93
CA PRO B 102 18.75 5.30 -27.73
C PRO B 102 17.25 5.56 -27.88
N PHE B 103 16.89 6.55 -28.71
CA PHE B 103 15.51 7.01 -28.83
C PHE B 103 14.89 6.66 -30.16
N PRO B 104 13.67 6.13 -30.14
CA PRO B 104 12.90 5.90 -31.39
C PRO B 104 12.55 7.25 -32.03
N PRO B 105 12.92 7.45 -33.28
CA PRO B 105 12.71 8.74 -33.96
C PRO B 105 11.23 9.08 -34.17
N VAL B 106 10.95 10.38 -34.23
CA VAL B 106 9.61 10.90 -34.45
C VAL B 106 9.69 11.83 -35.65
N TRP B 107 8.75 11.70 -36.58
CA TRP B 107 8.82 12.47 -37.82
C TRP B 107 7.85 13.66 -37.91
N ASN B 108 6.61 13.45 -37.48
CA ASN B 108 5.64 14.54 -37.38
C ASN B 108 6.17 15.67 -36.48
N PRO B 109 6.17 16.91 -36.98
CA PRO B 109 6.80 18.05 -36.29
C PRO B 109 6.12 18.41 -34.96
N ILE B 110 4.81 18.27 -34.89
CA ILE B 110 4.06 18.54 -33.67
C ILE B 110 4.36 17.47 -32.62
N THR B 111 4.27 16.21 -33.06
CA THR B 111 4.61 15.05 -32.24
C THR B 111 6.07 15.12 -31.76
N TYR B 112 6.96 15.57 -32.65
CA TYR B 112 8.37 15.77 -32.31
C TYR B 112 8.54 16.75 -31.17
N LEU B 113 7.81 17.88 -31.23
CA LEU B 113 7.89 18.90 -30.18
C LEU B 113 7.38 18.35 -28.86
N ASP B 114 6.28 17.60 -28.92
CA ASP B 114 5.66 17.00 -27.74
C ASP B 114 6.56 15.96 -27.08
N HIS B 115 7.19 15.10 -27.89
CA HIS B 115 8.11 14.09 -27.40
C HIS B 115 9.34 14.69 -26.76
N ASN B 116 9.97 15.62 -27.47
CA ASN B 116 11.13 16.34 -26.96
C ASN B 116 10.85 17.00 -25.61
N ASN B 117 9.70 17.67 -25.51
CA ASN B 117 9.35 18.40 -24.30
C ASN B 117 9.11 17.49 -23.10
N PHE B 118 8.51 16.32 -23.34
CA PHE B 118 8.23 15.40 -22.26
C PHE B 118 9.51 14.92 -21.57
N TRP B 119 10.46 14.40 -22.35
CA TRP B 119 11.73 13.91 -21.80
C TRP B 119 12.52 15.02 -21.13
N ARG B 120 12.58 16.18 -21.78
CA ARG B 120 13.24 17.35 -21.23
C ARG B 120 12.65 17.78 -19.89
N THR B 121 11.32 17.81 -19.82
CA THR B 121 10.61 18.23 -18.60
C THR B 121 10.85 17.28 -17.43
N MET B 122 10.87 15.98 -17.72
CA MET B 122 11.18 14.97 -16.70
C MET B 122 12.53 15.22 -16.03
N ASP B 123 13.55 15.48 -16.86
CA ASP B 123 14.87 15.82 -16.34
C ASP B 123 14.90 17.20 -15.66
N ASP B 124 14.20 18.17 -16.24
CA ASP B 124 14.04 19.51 -15.64
C ASP B 124 13.49 19.43 -14.22
N MET B 125 12.39 18.68 -14.06
CA MET B 125 11.74 18.49 -12.76
C MET B 125 12.67 17.77 -11.79
N GLY B 126 13.40 16.76 -12.31
CA GLY B 126 14.33 15.98 -11.50
C GLY B 126 15.45 16.78 -10.86
N ARG B 127 15.89 17.84 -11.54
CA ARG B 127 16.96 18.70 -11.03
C ARG B 127 16.57 19.45 -9.76
N GLU B 128 15.27 19.55 -9.50
CA GLU B 128 14.77 20.19 -8.28
C GLU B 128 14.56 19.20 -7.12
N ILE B 129 14.88 17.93 -7.35
CA ILE B 129 14.66 16.89 -6.35
C ILE B 129 15.99 16.35 -5.78
N PRO B 130 16.27 16.63 -4.51
CA PRO B 130 17.48 16.09 -3.86
C PRO B 130 17.46 14.57 -3.79
N SER B 131 18.57 13.94 -4.20
CA SER B 131 18.68 12.47 -4.23
C SER B 131 18.49 11.84 -2.85
N ASP B 132 19.05 12.46 -1.82
CA ASP B 132 19.01 11.95 -0.46
C ASP B 132 17.80 12.42 0.36
N ALA B 133 16.95 13.25 -0.25
CA ALA B 133 15.76 13.79 0.41
C ALA B 133 14.73 14.36 -0.59
N PRO B 134 14.05 13.49 -1.34
CA PRO B 134 13.07 13.95 -2.34
C PRO B 134 11.91 14.74 -1.73
N TRP B 135 11.55 14.48 -0.47
CA TRP B 135 10.51 15.23 0.24
C TRP B 135 10.89 16.70 0.48
N LYS B 136 12.13 17.07 0.18
CA LYS B 136 12.61 18.45 0.32
C LYS B 136 12.57 19.26 -0.97
N ALA B 137 12.11 18.63 -2.06
CA ALA B 137 11.86 19.34 -3.32
C ALA B 137 10.89 20.49 -3.04
N PRO B 138 11.13 21.66 -3.64
CA PRO B 138 10.28 22.84 -3.42
C PRO B 138 8.79 22.58 -3.64
N LEU B 139 8.46 21.81 -4.67
CA LEU B 139 7.06 21.45 -4.95
C LEU B 139 6.73 20.00 -4.57
N ALA B 140 7.39 19.50 -3.52
CA ALA B 140 7.25 18.11 -3.10
C ALA B 140 5.81 17.65 -2.91
N GLU B 141 5.03 18.40 -2.14
CA GLU B 141 3.64 18.03 -1.84
C GLU B 141 2.77 17.99 -3.10
N GLU B 142 2.87 19.05 -3.91
CA GLU B 142 2.12 19.14 -5.16
C GLU B 142 2.37 17.93 -6.06
N TRP B 143 3.64 17.59 -6.25
CA TRP B 143 4.02 16.48 -7.13
C TRP B 143 3.72 15.11 -6.53
N ASP B 144 3.77 15.03 -5.20
CA ASP B 144 3.46 13.78 -4.49
C ASP B 144 1.95 13.45 -4.42
N ASN B 145 1.11 14.47 -4.55
CA ASN B 145 -0.36 14.30 -4.48
C ASN B 145 -0.98 13.99 -5.83
N MET B 146 -0.11 13.69 -6.79
CA MET B 146 -0.43 13.50 -8.19
C MET B 146 0.12 12.13 -8.59
N THR B 147 -0.63 11.37 -9.38
CA THR B 147 -0.07 10.17 -10.00
C THR B 147 0.70 10.55 -11.26
N MET B 148 1.54 9.64 -11.74
CA MET B 148 2.23 9.82 -13.01
C MET B 148 1.22 9.95 -14.16
N LYS B 149 0.08 9.26 -14.04
CA LYS B 149 -1.00 9.34 -15.02
C LYS B 149 -1.53 10.78 -15.17
N GLU B 150 -1.77 11.45 -14.04
CA GLU B 150 -2.17 12.86 -14.03
C GLU B 150 -1.12 13.77 -14.67
N LEU B 151 0.14 13.56 -14.30
CA LEU B 151 1.24 14.32 -14.88
C LEU B 151 1.32 14.16 -16.40
N LEU B 152 1.19 12.92 -16.87
CA LEU B 152 1.23 12.63 -18.31
C LEU B 152 0.07 13.27 -19.06
N ASP B 153 -1.12 13.22 -18.47
CA ASP B 153 -2.32 13.85 -19.05
C ASP B 153 -2.14 15.37 -19.24
N LYS B 154 -1.47 16.00 -18.28
CA LYS B 154 -1.18 17.44 -18.32
C LYS B 154 -0.11 17.80 -19.34
N LEU B 155 0.93 16.97 -19.44
CA LEU B 155 2.14 17.30 -20.20
C LEU B 155 2.08 16.93 -21.68
N CYS B 156 1.48 15.77 -21.97
CA CYS B 156 1.51 15.21 -23.32
C CYS B 156 0.31 15.67 -24.15
N TRP B 157 0.60 16.39 -25.21
CA TRP B 157 -0.43 16.95 -26.09
C TRP B 157 -0.80 16.02 -27.25
N THR B 158 -0.01 14.97 -27.43
CA THR B 158 -0.30 13.93 -28.43
C THR B 158 -0.44 12.57 -27.75
N GLU B 159 -1.26 11.71 -28.34
CA GLU B 159 -1.43 10.34 -27.88
C GLU B 159 -0.16 9.51 -28.06
N SER B 160 0.60 9.85 -29.10
CA SER B 160 1.87 9.18 -29.40
C SER B 160 2.87 9.34 -28.26
N ALA B 161 3.05 10.57 -27.77
CA ALA B 161 3.96 10.84 -26.66
C ALA B 161 3.48 10.19 -25.37
N LYS B 162 2.17 10.22 -25.15
CA LYS B 162 1.56 9.66 -23.94
C LYS B 162 1.70 8.14 -23.87
N GLN B 163 1.56 7.47 -25.01
CA GLN B 163 1.74 6.02 -25.12
C GLN B 163 3.18 5.60 -24.78
N LEU B 164 4.15 6.29 -25.36
CA LEU B 164 5.56 5.97 -25.12
C LEU B 164 5.97 6.28 -23.68
N ALA B 165 5.51 7.42 -23.17
CA ALA B 165 5.73 7.79 -21.77
C ALA B 165 5.15 6.74 -20.82
N THR B 166 3.98 6.22 -21.15
CA THR B 166 3.31 5.20 -20.35
C THR B 166 4.14 3.90 -20.34
N LEU B 167 4.60 3.49 -21.53
CA LEU B 167 5.44 2.30 -21.66
C LEU B 167 6.70 2.48 -20.82
N PHE B 168 7.30 3.68 -20.90
CA PHE B 168 8.48 4.03 -20.14
C PHE B 168 8.26 3.83 -18.63
N VAL B 169 7.15 4.34 -18.10
CA VAL B 169 6.83 4.15 -16.68
C VAL B 169 6.69 2.67 -16.34
N ASN B 170 5.88 1.94 -17.12
CA ASN B 170 5.65 0.51 -16.90
C ASN B 170 6.97 -0.26 -16.82
N LEU B 171 7.89 0.04 -17.75
CA LEU B 171 9.15 -0.66 -17.86
C LEU B 171 10.14 -0.31 -16.74
N CYS B 172 10.14 0.96 -16.34
CA CYS B 172 11.04 1.44 -15.29
C CYS B 172 10.74 0.86 -13.91
N VAL B 173 9.46 0.82 -13.55
CA VAL B 173 9.05 0.56 -12.17
C VAL B 173 7.96 -0.52 -12.03
N THR B 174 7.76 -1.29 -13.10
CA THR B 174 6.77 -2.39 -13.17
C THR B 174 5.43 -2.09 -12.50
N ALA B 175 4.91 -0.89 -12.74
CA ALA B 175 3.63 -0.47 -12.18
C ALA B 175 2.94 0.44 -13.17
N GLU B 176 1.62 0.58 -13.01
CA GLU B 176 0.82 1.44 -13.88
C GLU B 176 1.06 2.91 -13.52
N THR B 177 0.86 3.80 -14.49
CA THR B 177 1.02 5.23 -14.28
C THR B 177 0.10 5.77 -13.19
N HIS B 178 -1.09 5.17 -13.07
CA HIS B 178 -2.08 5.61 -12.08
C HIS B 178 -1.81 5.06 -10.67
N GLU B 179 -0.86 4.15 -10.55
CA GLU B 179 -0.53 3.53 -9.26
C GLU B 179 0.54 4.28 -8.46
N VAL B 180 1.39 5.04 -9.16
CA VAL B 180 2.59 5.62 -8.57
C VAL B 180 2.55 7.16 -8.43
N SER B 181 3.18 7.66 -7.38
CA SER B 181 3.34 9.11 -7.17
C SER B 181 4.25 9.73 -8.24
N ALA B 182 3.90 10.92 -8.70
CA ALA B 182 4.72 11.67 -9.66
C ALA B 182 6.06 12.04 -9.05
N LEU B 183 6.04 12.58 -7.82
CA LEU B 183 7.28 12.92 -7.11
C LEU B 183 8.22 11.73 -6.98
N TRP B 184 7.69 10.59 -6.54
CA TRP B 184 8.51 9.39 -6.39
C TRP B 184 9.15 8.93 -7.71
N PHE B 185 8.36 8.90 -8.78
CA PHE B 185 8.87 8.47 -10.07
C PHE B 185 9.93 9.42 -10.63
N LEU B 186 9.72 10.72 -10.46
CA LEU B 186 10.71 11.71 -10.92
C LEU B 186 11.99 11.63 -10.11
N TRP B 187 11.88 11.31 -8.82
CA TRP B 187 13.05 11.08 -7.99
C TRP B 187 13.80 9.84 -8.51
N TYR B 188 13.02 8.78 -8.80
CA TYR B 188 13.57 7.50 -9.20
C TYR B 188 14.45 7.60 -10.44
N VAL B 189 13.96 8.30 -11.45
CA VAL B 189 14.69 8.51 -12.70
C VAL B 189 15.94 9.38 -12.47
N LYS B 190 15.77 10.48 -11.73
CA LYS B 190 16.85 11.40 -11.41
C LYS B 190 18.03 10.72 -10.66
N GLN B 191 17.72 9.90 -9.66
CA GLN B 191 18.76 9.24 -8.88
C GLN B 191 19.48 8.10 -9.64
N CYS B 192 18.99 7.80 -10.85
CA CYS B 192 19.72 6.91 -11.76
C CYS B 192 20.55 7.68 -12.78
N GLY B 193 20.56 9.01 -12.67
CA GLY B 193 21.30 9.85 -13.59
C GLY B 193 20.50 10.45 -14.75
N GLY B 194 19.18 10.27 -14.74
CA GLY B 194 18.33 10.88 -15.75
C GLY B 194 17.80 9.90 -16.79
N THR B 195 16.93 10.40 -17.68
CA THR B 195 16.21 9.54 -18.63
C THR B 195 17.13 8.80 -19.59
N THR B 196 18.10 9.51 -20.17
CA THR B 196 19.03 8.90 -21.13
C THR B 196 19.83 7.77 -20.50
N ARG B 197 20.41 8.03 -19.33
CA ARG B 197 21.18 7.03 -18.60
C ARG B 197 20.36 5.79 -18.25
N ILE B 198 19.13 6.00 -17.75
CA ILE B 198 18.31 4.87 -17.31
C ILE B 198 17.80 3.97 -18.44
N ILE B 199 17.52 4.55 -19.62
CA ILE B 199 16.94 3.78 -20.75
C ILE B 199 17.95 3.20 -21.72
N SER B 200 19.18 3.69 -21.68
CA SER B 200 20.17 3.31 -22.70
C SER B 200 20.80 1.95 -22.43
N THR B 201 21.13 1.26 -23.51
CA THR B 201 21.95 0.07 -23.44
C THR B 201 23.39 0.55 -23.47
N THR B 202 23.89 0.91 -24.65
CA THR B 202 25.20 1.56 -24.76
C THR B 202 25.24 2.85 -23.93
N ASN B 203 26.21 2.92 -23.01
CA ASN B 203 26.38 4.06 -22.09
C ASN B 203 25.27 4.22 -21.05
N GLY B 204 24.51 3.15 -20.78
CA GLY B 204 23.43 3.21 -19.82
C GLY B 204 23.29 2.00 -18.92
N GLY B 205 22.15 1.93 -18.23
CA GLY B 205 21.87 0.85 -17.27
C GLY B 205 21.83 -0.57 -17.81
N GLN B 206 21.57 -0.72 -19.11
CA GLN B 206 21.48 -2.05 -19.71
C GLN B 206 22.72 -2.43 -20.52
N GLU B 207 23.85 -1.78 -20.27
CA GLU B 207 25.05 -2.00 -21.10
C GLU B 207 25.61 -3.42 -21.01
N ARG B 208 25.63 -3.98 -19.80
CA ARG B 208 26.41 -5.18 -19.54
C ARG B 208 25.69 -6.20 -18.65
N LYS B 209 26.15 -7.45 -18.72
CA LYS B 209 25.78 -8.49 -17.76
C LYS B 209 27.06 -9.17 -17.25
N PHE B 210 26.93 -9.93 -16.17
CA PHE B 210 28.05 -10.68 -15.61
C PHE B 210 28.18 -12.03 -16.30
N VAL B 211 29.40 -12.37 -16.69
CA VAL B 211 29.73 -13.70 -17.19
C VAL B 211 29.43 -14.73 -16.10
N GLY B 212 28.55 -15.67 -16.40
CA GLY B 212 28.15 -16.70 -15.44
C GLY B 212 26.93 -16.36 -14.58
N GLY B 213 26.43 -15.13 -14.69
CA GLY B 213 25.26 -14.71 -13.94
C GLY B 213 25.54 -13.84 -12.71
N SER B 214 24.57 -12.98 -12.38
CA SER B 214 24.69 -12.08 -11.23
C SER B 214 24.53 -12.78 -9.87
N GLY B 215 23.94 -13.98 -9.89
CA GLY B 215 23.78 -14.78 -8.68
C GLY B 215 25.10 -15.16 -8.02
N GLN B 216 26.17 -15.09 -8.80
CA GLN B 216 27.52 -15.34 -8.30
C GLN B 216 28.02 -14.30 -7.28
N VAL B 217 27.47 -13.09 -7.30
CA VAL B 217 27.85 -12.07 -6.35
C VAL B 217 27.52 -12.54 -4.92
N SER B 218 26.28 -12.94 -4.70
CA SER B 218 25.85 -13.42 -3.39
C SER B 218 26.45 -14.78 -3.02
N GLU B 219 26.54 -15.67 -4.01
CA GLU B 219 27.13 -17.00 -3.80
C GLU B 219 28.58 -16.94 -3.33
N ARG B 220 29.38 -16.07 -3.97
CA ARG B 220 30.80 -15.96 -3.67
C ARG B 220 31.09 -15.30 -2.32
N ILE B 221 30.23 -14.36 -1.91
CA ILE B 221 30.33 -13.79 -0.56
C ILE B 221 29.97 -14.84 0.50
N MET B 222 28.97 -15.66 0.21
CA MET B 222 28.62 -16.79 1.07
C MET B 222 29.80 -17.76 1.23
N ASP B 223 30.52 -18.00 0.14
CA ASP B 223 31.73 -18.83 0.19
C ASP B 223 32.76 -18.24 1.16
N LEU B 224 32.93 -16.92 1.12
CA LEU B 224 33.87 -16.21 1.99
C LEU B 224 33.45 -16.23 3.46
N LEU B 225 32.14 -16.20 3.71
CA LEU B 225 31.63 -16.13 5.07
C LEU B 225 31.46 -17.50 5.71
N GLY B 226 31.41 -18.54 4.87
CA GLY B 226 31.30 -19.92 5.32
C GLY B 226 30.03 -20.22 6.08
N ASP B 227 30.20 -20.75 7.29
CA ASP B 227 29.08 -21.17 8.12
C ASP B 227 28.35 -20.03 8.85
N ARG B 228 28.79 -18.79 8.61
CA ARG B 228 28.15 -17.61 9.19
C ARG B 228 26.79 -17.31 8.54
N VAL B 229 26.57 -17.86 7.35
CA VAL B 229 25.31 -17.71 6.63
C VAL B 229 24.37 -18.88 6.98
N LYS B 230 23.21 -18.55 7.52
CA LYS B 230 22.23 -19.57 7.92
C LYS B 230 21.02 -19.56 6.97
N LEU B 231 20.91 -20.59 6.16
CA LEU B 231 19.83 -20.72 5.19
C LEU B 231 18.58 -21.34 5.83
N GLU B 232 17.41 -20.98 5.30
CA GLU B 232 16.11 -21.43 5.83
C GLU B 232 15.91 -21.00 7.29
N ARG B 233 16.26 -19.75 7.57
CA ARG B 233 16.07 -19.13 8.87
C ARG B 233 15.28 -17.83 8.71
N PRO B 234 13.97 -17.92 8.46
CA PRO B 234 13.13 -16.72 8.39
C PRO B 234 13.04 -16.10 9.76
N VAL B 235 13.34 -14.80 9.87
CA VAL B 235 13.23 -14.08 11.13
C VAL B 235 11.77 -13.75 11.40
N ILE B 236 11.32 -14.05 12.62
CA ILE B 236 9.93 -13.85 13.03
C ILE B 236 9.76 -12.85 14.18
N TYR B 237 10.84 -12.57 14.90
CA TYR B 237 10.75 -11.85 16.17
C TYR B 237 12.06 -11.17 16.54
N ILE B 238 11.97 -9.86 16.81
CA ILE B 238 13.12 -9.08 17.27
C ILE B 238 12.79 -8.38 18.58
N ASP B 239 13.60 -8.65 19.60
CA ASP B 239 13.40 -8.12 20.94
C ASP B 239 14.53 -7.17 21.34
N GLN B 240 14.19 -5.91 21.58
CA GLN B 240 15.17 -4.88 21.93
C GLN B 240 15.03 -4.34 23.36
N THR B 241 14.32 -5.06 24.22
CA THR B 241 14.07 -4.58 25.58
C THR B 241 15.26 -4.77 26.54
N ARG B 242 16.15 -5.70 26.20
CA ARG B 242 17.28 -6.06 27.06
C ARG B 242 18.61 -5.48 26.58
N GLU B 243 19.68 -5.83 27.29
CA GLU B 243 21.04 -5.35 26.99
C GLU B 243 21.49 -5.72 25.58
N ASN B 244 21.32 -6.99 25.22
CA ASN B 244 21.61 -7.48 23.87
C ASN B 244 20.31 -7.69 23.10
N VAL B 245 20.37 -7.44 21.78
CA VAL B 245 19.22 -7.67 20.91
C VAL B 245 18.99 -9.17 20.69
N LEU B 246 17.74 -9.60 20.80
CA LEU B 246 17.39 -10.99 20.57
C LEU B 246 16.64 -11.15 19.25
N VAL B 247 17.13 -12.05 18.41
CA VAL B 247 16.51 -12.32 17.11
C VAL B 247 16.08 -13.79 17.04
N GLU B 248 14.79 -14.02 16.81
CA GLU B 248 14.26 -15.37 16.74
C GLU B 248 13.83 -15.75 15.32
N THR B 249 14.11 -17.00 14.94
CA THR B 249 13.71 -17.53 13.63
C THR B 249 12.53 -18.51 13.74
N LEU B 250 11.92 -18.80 12.59
CA LEU B 250 10.76 -19.69 12.48
C LEU B 250 11.02 -21.11 13.00
N ASN B 251 12.22 -21.63 12.74
CA ASN B 251 12.62 -22.95 13.22
C ASN B 251 13.15 -22.94 14.66
N HIS B 252 12.77 -21.90 15.41
CA HIS B 252 13.02 -21.78 16.86
C HIS B 252 14.47 -21.59 17.32
N GLU B 253 15.30 -20.98 16.47
CA GLU B 253 16.65 -20.64 16.88
C GLU B 253 16.69 -19.21 17.41
N MET B 254 17.55 -18.98 18.40
CA MET B 254 17.70 -17.65 19.00
C MET B 254 19.10 -17.12 18.74
N TYR B 255 19.17 -15.86 18.32
CA TYR B 255 20.44 -15.20 18.06
C TYR B 255 20.53 -13.92 18.88
N GLU B 256 21.72 -13.67 19.43
CA GLU B 256 21.96 -12.53 20.30
C GLU B 256 23.07 -11.67 19.70
N ALA B 257 22.83 -10.36 19.64
CA ALA B 257 23.77 -9.44 19.01
C ALA B 257 23.73 -8.05 19.63
N LYS B 258 24.77 -7.27 19.37
CA LYS B 258 24.78 -5.87 19.76
C LYS B 258 23.90 -5.02 18.83
N TYR B 259 23.92 -5.36 17.54
CA TYR B 259 23.18 -4.61 16.52
C TYR B 259 22.56 -5.52 15.46
N VAL B 260 21.54 -5.01 14.77
CA VAL B 260 20.88 -5.72 13.68
C VAL B 260 20.85 -4.85 12.42
N ILE B 261 21.15 -5.45 11.27
CA ILE B 261 20.87 -4.83 10.00
C ILE B 261 19.68 -5.53 9.36
N SER B 262 18.65 -4.75 9.05
CA SER B 262 17.51 -5.25 8.30
C SER B 262 17.77 -5.01 6.81
N ALA B 263 18.08 -6.09 6.09
CA ALA B 263 18.39 -5.98 4.67
C ALA B 263 17.30 -6.61 3.79
N ILE B 264 16.04 -6.32 4.12
CA ILE B 264 14.90 -6.84 3.39
C ILE B 264 14.05 -5.67 2.84
N PRO B 265 13.26 -5.91 1.78
CA PRO B 265 12.32 -4.91 1.29
C PRO B 265 11.44 -4.36 2.43
N PRO B 266 11.27 -3.04 2.49
CA PRO B 266 10.58 -2.40 3.62
C PRO B 266 9.29 -3.09 4.07
N THR B 267 8.39 -3.40 3.13
CA THR B 267 7.12 -4.03 3.49
C THR B 267 7.29 -5.42 4.12
N LEU B 268 8.35 -6.13 3.78
CA LEU B 268 8.61 -7.45 4.36
C LEU B 268 8.97 -7.41 5.85
N GLY B 269 9.21 -6.20 6.35
CA GLY B 269 9.32 -5.95 7.79
C GLY B 269 8.06 -6.33 8.56
N MET B 270 6.93 -6.37 7.85
CA MET B 270 5.65 -6.78 8.43
C MET B 270 5.67 -8.23 8.94
N LYS B 271 6.52 -9.06 8.35
CA LYS B 271 6.63 -10.47 8.74
C LYS B 271 7.31 -10.67 10.10
N ILE B 272 7.86 -9.60 10.66
CA ILE B 272 8.55 -9.64 11.94
C ILE B 272 7.70 -8.99 13.04
N HIS B 273 7.61 -9.68 14.18
CA HIS B 273 6.93 -9.15 15.35
C HIS B 273 7.97 -8.44 16.22
N PHE B 274 7.70 -7.19 16.55
CA PHE B 274 8.67 -6.35 17.25
C PHE B 274 8.31 -6.13 18.72
N ASN B 275 9.33 -6.14 19.56
CA ASN B 275 9.21 -5.79 20.97
C ASN B 275 10.42 -4.93 21.38
N PRO B 276 10.20 -3.67 21.76
CA PRO B 276 8.85 -3.05 21.83
C PRO B 276 8.29 -2.82 20.42
N PRO B 277 7.01 -2.44 20.28
CA PRO B 277 6.44 -2.15 18.95
C PRO B 277 7.25 -1.07 18.24
N LEU B 278 7.23 -1.11 16.91
CA LEU B 278 7.86 -0.06 16.10
C LEU B 278 7.25 1.31 16.43
N PRO B 279 8.02 2.38 16.28
CA PRO B 279 7.44 3.73 16.38
C PRO B 279 6.34 3.89 15.34
N MET B 280 5.38 4.75 15.65
CA MET B 280 4.17 4.94 14.84
C MET B 280 4.41 5.08 13.35
N MET B 281 5.35 5.94 12.96
CA MET B 281 5.57 6.26 11.55
C MET B 281 6.06 5.06 10.74
N ARG B 282 7.01 4.29 11.28
CA ARG B 282 7.49 3.09 10.60
C ARG B 282 6.42 1.99 10.58
N ASN B 283 5.70 1.83 11.70
CA ASN B 283 4.58 0.88 11.79
C ASN B 283 3.58 1.01 10.64
N GLN B 284 3.24 2.24 10.30
CA GLN B 284 2.32 2.50 9.19
C GLN B 284 3.01 2.49 7.83
N MET B 285 4.25 3.00 7.76
CA MET B 285 5.00 3.05 6.50
C MET B 285 5.08 1.69 5.82
N ILE B 286 5.37 0.65 6.59
CA ILE B 286 5.63 -0.68 6.03
C ILE B 286 4.38 -1.40 5.50
N THR B 287 3.22 -0.76 5.65
CA THR B 287 1.98 -1.24 5.05
C THR B 287 1.62 -0.41 3.81
N ARG B 288 2.44 0.57 3.47
CA ARG B 288 2.12 1.53 2.42
C ARG B 288 3.04 1.46 1.19
N VAL B 289 3.94 0.48 1.17
CA VAL B 289 5.01 0.44 0.16
C VAL B 289 5.14 -0.90 -0.58
N PRO B 290 4.27 -1.12 -1.56
CA PRO B 290 4.28 -2.40 -2.30
C PRO B 290 5.41 -2.49 -3.33
N LEU B 291 5.66 -3.71 -3.82
CA LEU B 291 6.60 -3.92 -4.93
C LEU B 291 5.82 -4.16 -6.21
N GLY B 292 6.47 -3.91 -7.35
CA GLY B 292 5.82 -4.05 -8.65
C GLY B 292 5.58 -5.48 -9.09
N SER B 293 5.01 -5.64 -10.28
CA SER B 293 4.62 -6.94 -10.81
C SER B 293 5.29 -7.19 -12.16
N VAL B 294 5.96 -8.32 -12.28
CA VAL B 294 6.70 -8.66 -13.50
C VAL B 294 6.95 -10.15 -13.64
N ILE B 295 6.90 -10.62 -14.89
CA ILE B 295 7.40 -11.93 -15.25
C ILE B 295 8.56 -11.74 -16.23
N LYS B 296 9.70 -12.33 -15.92
CA LYS B 296 10.86 -12.31 -16.81
C LYS B 296 10.88 -13.60 -17.63
N CYS B 297 10.89 -13.46 -18.95
CA CYS B 297 10.77 -14.61 -19.86
C CYS B 297 11.94 -14.64 -20.84
N ILE B 298 12.49 -15.83 -21.05
CA ILE B 298 13.60 -16.02 -22.00
C ILE B 298 13.28 -17.16 -22.97
N VAL B 299 13.17 -16.81 -24.24
CA VAL B 299 12.90 -17.76 -25.31
C VAL B 299 14.20 -18.05 -26.04
N TYR B 300 14.54 -19.33 -26.15
CA TYR B 300 15.79 -19.77 -26.76
C TYR B 300 15.61 -20.27 -28.18
N TYR B 301 16.60 -20.01 -29.02
CA TYR B 301 16.58 -20.40 -30.43
C TYR B 301 17.88 -21.06 -30.85
N LYS B 302 17.83 -21.78 -31.97
CA LYS B 302 19.01 -22.43 -32.55
C LYS B 302 20.11 -21.41 -32.87
N GLU B 303 19.71 -20.27 -33.44
CA GLU B 303 20.65 -19.22 -33.85
C GLU B 303 20.06 -17.83 -33.59
N PRO B 304 20.92 -16.81 -33.42
CA PRO B 304 20.44 -15.44 -33.29
C PRO B 304 20.03 -14.84 -34.64
N PHE B 305 18.95 -15.40 -35.19
CA PHE B 305 18.52 -15.14 -36.56
C PHE B 305 18.22 -13.67 -36.88
N TRP B 306 17.81 -12.90 -35.87
CA TRP B 306 17.50 -11.47 -36.02
C TRP B 306 18.69 -10.64 -36.51
N ARG B 307 19.89 -11.05 -36.12
CA ARG B 307 21.13 -10.36 -36.53
C ARG B 307 21.34 -10.40 -38.05
N LYS B 308 20.90 -11.47 -38.70
CA LYS B 308 21.01 -11.61 -40.15
C LYS B 308 20.11 -10.62 -40.90
N LYS B 309 19.06 -10.14 -40.23
CA LYS B 309 18.17 -9.12 -40.77
C LYS B 309 18.60 -7.71 -40.31
N ASP B 310 19.79 -7.63 -39.71
CA ASP B 310 20.32 -6.37 -39.17
C ASP B 310 19.42 -5.81 -38.02
N TYR B 311 18.95 -6.71 -37.16
CA TYR B 311 18.29 -6.35 -35.92
C TYR B 311 19.14 -6.83 -34.74
N CYS B 312 19.33 -5.97 -33.75
CA CYS B 312 20.11 -6.36 -32.57
C CYS B 312 19.34 -7.27 -31.60
N GLY B 313 18.01 -7.20 -31.64
CA GLY B 313 17.17 -7.98 -30.74
C GLY B 313 16.39 -7.13 -29.75
N THR B 314 16.70 -5.84 -29.71
CA THR B 314 15.94 -4.88 -28.90
C THR B 314 14.65 -4.54 -29.60
N MET B 315 13.53 -4.72 -28.91
CA MET B 315 12.22 -4.34 -29.41
C MET B 315 11.48 -3.49 -28.37
N ILE B 316 10.92 -2.38 -28.82
CA ILE B 316 10.02 -1.57 -28.01
C ILE B 316 8.64 -1.73 -28.64
N ILE B 317 7.74 -2.38 -27.91
CA ILE B 317 6.48 -2.86 -28.48
C ILE B 317 5.28 -2.20 -27.80
N ASP B 318 4.61 -1.32 -28.53
CA ASP B 318 3.45 -0.60 -27.97
C ASP B 318 2.14 -1.37 -28.14
N GLY B 319 1.17 -1.06 -27.28
CA GLY B 319 -0.17 -1.62 -27.40
C GLY B 319 -0.57 -2.57 -26.30
N GLU B 320 -1.88 -2.64 -26.06
CA GLU B 320 -2.46 -3.48 -25.02
C GLU B 320 -2.34 -4.98 -25.34
N GLU B 321 -2.44 -5.33 -26.63
CA GLU B 321 -2.47 -6.72 -27.07
C GLU B 321 -1.14 -7.44 -26.84
N ALA B 322 -0.04 -6.70 -26.96
CA ALA B 322 1.30 -7.27 -26.81
C ALA B 322 1.60 -7.68 -25.36
N PRO B 323 1.84 -8.97 -25.14
CA PRO B 323 2.18 -9.46 -23.80
C PRO B 323 3.48 -8.88 -23.25
N VAL B 324 4.46 -8.67 -24.13
CA VAL B 324 5.78 -8.15 -23.77
C VAL B 324 5.98 -6.78 -24.41
N ALA B 325 6.39 -5.80 -23.62
CA ALA B 325 6.59 -4.44 -24.13
C ALA B 325 8.04 -4.10 -24.50
N TYR B 326 8.99 -4.92 -24.02
CA TYR B 326 10.41 -4.64 -24.20
C TYR B 326 11.25 -5.92 -24.16
N THR B 327 12.18 -6.04 -25.12
CA THR B 327 13.07 -7.18 -25.22
C THR B 327 14.52 -6.76 -25.40
N LEU B 328 15.43 -7.67 -25.07
CA LEU B 328 16.84 -7.53 -25.39
C LEU B 328 17.39 -8.88 -25.83
N ASP B 329 18.42 -8.84 -26.67
CA ASP B 329 19.19 -10.03 -27.03
C ASP B 329 19.81 -10.59 -25.75
N ASP B 330 19.58 -11.89 -25.49
CA ASP B 330 20.16 -12.57 -24.33
C ASP B 330 21.15 -13.69 -24.69
N THR B 331 21.63 -13.68 -25.94
CA THR B 331 22.65 -14.61 -26.43
C THR B 331 23.95 -14.47 -25.61
N LYS B 332 24.63 -15.60 -25.39
CA LYS B 332 25.91 -15.63 -24.68
C LYS B 332 26.96 -14.87 -25.48
N PRO B 333 27.98 -14.33 -24.80
CA PRO B 333 29.02 -13.54 -25.47
C PRO B 333 29.74 -14.32 -26.58
N GLU B 334 29.80 -15.64 -26.43
CA GLU B 334 30.43 -16.53 -27.40
C GLU B 334 29.61 -16.69 -28.69
N GLY B 335 28.33 -16.28 -28.63
CA GLY B 335 27.45 -16.35 -29.79
C GLY B 335 26.51 -17.54 -29.82
N ASN B 336 26.59 -18.39 -28.81
CA ASN B 336 25.70 -19.55 -28.71
C ASN B 336 24.62 -19.35 -27.63
N TYR B 337 23.77 -20.37 -27.46
CA TYR B 337 22.57 -20.26 -26.62
C TYR B 337 21.76 -19.01 -27.00
N ALA B 338 21.50 -18.84 -28.30
CA ALA B 338 20.72 -17.70 -28.80
C ALA B 338 19.39 -17.56 -28.05
N ALA B 339 19.08 -16.34 -27.65
CA ALA B 339 17.91 -16.10 -26.82
C ALA B 339 17.40 -14.66 -26.89
N ILE B 340 16.09 -14.51 -26.67
CA ILE B 340 15.46 -13.21 -26.49
C ILE B 340 14.87 -13.14 -25.09
N MET B 341 15.23 -12.09 -24.36
CA MET B 341 14.68 -11.80 -23.04
C MET B 341 13.57 -10.76 -23.17
N GLY B 342 12.41 -11.03 -22.57
CA GLY B 342 11.33 -10.06 -22.52
C GLY B 342 10.70 -9.93 -21.12
N PHE B 343 10.12 -8.77 -20.85
CA PHE B 343 9.44 -8.50 -19.58
C PHE B 343 7.93 -8.41 -19.80
N ILE B 344 7.16 -9.16 -19.01
CA ILE B 344 5.71 -8.98 -18.97
C ILE B 344 5.40 -8.11 -17.76
N LEU B 345 4.86 -6.92 -18.02
CA LEU B 345 4.85 -5.84 -17.04
C LEU B 345 3.51 -5.52 -16.41
N ALA B 346 3.56 -5.23 -15.11
CA ALA B 346 2.42 -4.66 -14.36
C ALA B 346 1.12 -5.45 -14.50
N HIS B 347 0.04 -4.82 -14.99
CA HIS B 347 -1.25 -5.51 -15.09
C HIS B 347 -1.24 -6.74 -16.00
N LYS B 348 -0.36 -6.73 -17.01
CA LYS B 348 -0.23 -7.88 -17.92
C LYS B 348 0.38 -9.09 -17.22
N ALA B 349 1.26 -8.85 -16.25
CA ALA B 349 1.84 -9.91 -15.45
C ALA B 349 0.74 -10.64 -14.67
N ARG B 350 -0.18 -9.87 -14.10
CA ARG B 350 -1.31 -10.41 -13.35
C ARG B 350 -2.29 -11.15 -14.27
N LYS B 351 -2.55 -10.58 -15.44
CA LYS B 351 -3.48 -11.15 -16.42
C LYS B 351 -2.99 -12.47 -17.03
N LEU B 352 -1.72 -12.50 -17.44
CA LEU B 352 -1.17 -13.65 -18.16
C LEU B 352 -0.64 -14.77 -17.25
N ALA B 353 -0.60 -14.51 -15.95
CA ALA B 353 -0.18 -15.52 -14.98
C ALA B 353 -1.17 -16.67 -14.88
N ARG B 354 -2.42 -16.41 -15.27
CA ARG B 354 -3.49 -17.41 -15.27
C ARG B 354 -3.27 -18.53 -16.28
N LEU B 355 -2.53 -18.21 -17.35
CA LEU B 355 -2.24 -19.18 -18.41
C LEU B 355 -1.16 -20.17 -17.98
N THR B 356 -1.00 -21.24 -18.75
CA THR B 356 0.10 -22.18 -18.54
C THR B 356 1.39 -21.63 -19.15
N LYS B 357 2.51 -22.24 -18.77
CA LYS B 357 3.83 -21.92 -19.31
C LYS B 357 3.87 -22.06 -20.84
N GLU B 358 3.28 -23.15 -21.36
CA GLU B 358 3.20 -23.43 -22.79
C GLU B 358 2.39 -22.37 -23.53
N GLU B 359 1.29 -21.93 -22.90
CA GLU B 359 0.42 -20.89 -23.47
C GLU B 359 1.12 -19.54 -23.55
N ARG B 360 1.95 -19.22 -22.55
CA ARG B 360 2.74 -17.99 -22.56
C ARG B 360 3.84 -18.03 -23.61
N LEU B 361 4.49 -19.19 -23.74
CA LEU B 361 5.53 -19.38 -24.76
C LEU B 361 4.99 -19.12 -26.16
N LYS B 362 3.81 -19.67 -26.45
CA LYS B 362 3.15 -19.51 -27.73
C LYS B 362 2.86 -18.03 -28.06
N LYS B 363 2.30 -17.30 -27.10
CA LYS B 363 2.00 -15.88 -27.26
C LYS B 363 3.25 -15.04 -27.55
N LEU B 364 4.34 -15.34 -26.84
CA LEU B 364 5.60 -14.62 -27.03
C LEU B 364 6.21 -14.87 -28.40
N CYS B 365 6.21 -16.13 -28.84
CA CYS B 365 6.76 -16.51 -30.14
C CYS B 365 5.99 -15.87 -31.31
N GLU B 366 4.66 -15.88 -31.22
CA GLU B 366 3.81 -15.25 -32.23
C GLU B 366 4.03 -13.73 -32.29
N LEU B 367 4.21 -13.10 -31.13
CA LEU B 367 4.54 -11.68 -31.09
C LEU B 367 5.91 -11.40 -31.73
N TYR B 368 6.92 -12.18 -31.36
CA TYR B 368 8.27 -11.97 -31.87
C TYR B 368 8.35 -12.21 -33.37
N ALA B 369 7.60 -13.20 -33.86
CA ALA B 369 7.51 -13.46 -35.30
C ALA B 369 6.97 -12.23 -36.03
N LYS B 370 5.96 -11.61 -35.46
CA LYS B 370 5.35 -10.40 -36.00
C LYS B 370 6.35 -9.24 -36.02
N VAL B 371 6.95 -8.97 -34.87
CA VAL B 371 7.79 -7.78 -34.71
C VAL B 371 9.09 -7.88 -35.51
N LEU B 372 9.70 -9.06 -35.51
CA LEU B 372 10.93 -9.30 -36.25
C LEU B 372 10.70 -9.66 -37.71
N GLY B 373 9.43 -9.91 -38.07
CA GLY B 373 9.08 -10.34 -39.41
C GLY B 373 9.79 -11.63 -39.79
N SER B 374 9.81 -12.60 -38.88
CA SER B 374 10.53 -13.86 -39.10
C SER B 374 9.77 -15.09 -38.61
N LEU B 375 9.58 -16.05 -39.52
CA LEU B 375 8.97 -17.33 -39.18
C LEU B 375 9.83 -18.15 -38.23
N GLU B 376 11.12 -17.86 -38.19
CA GLU B 376 12.04 -18.58 -37.30
C GLU B 376 11.72 -18.37 -35.83
N ALA B 377 11.08 -17.25 -35.51
CA ALA B 377 10.66 -16.95 -34.13
C ALA B 377 9.63 -17.95 -33.60
N LEU B 378 9.01 -18.72 -34.51
CA LEU B 378 7.99 -19.69 -34.15
C LEU B 378 8.54 -21.07 -33.79
N GLU B 379 9.87 -21.22 -33.83
CA GLU B 379 10.49 -22.51 -33.53
C GLU B 379 11.48 -22.45 -32.36
N PRO B 380 11.00 -22.18 -31.14
CA PRO B 380 11.87 -22.12 -29.96
C PRO B 380 12.43 -23.49 -29.61
N VAL B 381 13.64 -23.54 -29.07
CA VAL B 381 14.24 -24.80 -28.64
C VAL B 381 14.11 -25.00 -27.12
N HIS B 382 13.86 -23.90 -26.41
CA HIS B 382 13.76 -23.91 -24.96
C HIS B 382 13.11 -22.63 -24.45
N TYR B 383 12.60 -22.70 -23.22
CA TYR B 383 11.93 -21.57 -22.58
C TYR B 383 12.15 -21.60 -21.08
N GLU B 384 12.49 -20.44 -20.52
CA GLU B 384 12.56 -20.27 -19.06
C GLU B 384 11.88 -18.96 -18.66
N GLU B 385 11.23 -18.98 -17.50
CA GLU B 385 10.49 -17.82 -17.00
C GLU B 385 10.41 -17.80 -15.48
N LYS B 386 10.18 -16.61 -14.93
CA LYS B 386 9.97 -16.46 -13.49
C LYS B 386 9.00 -15.33 -13.17
N ASN B 387 7.93 -15.69 -12.48
CA ASN B 387 6.96 -14.71 -12.02
C ASN B 387 7.32 -14.33 -10.59
N TRP B 388 7.74 -13.08 -10.40
CA TRP B 388 8.22 -12.64 -9.09
C TRP B 388 7.10 -12.27 -8.12
N CYS B 389 5.87 -12.14 -8.65
CA CYS B 389 4.70 -11.82 -7.83
C CYS B 389 4.35 -12.92 -6.83
N GLU B 390 4.80 -14.14 -7.10
CA GLU B 390 4.45 -15.30 -6.26
C GLU B 390 5.41 -15.54 -5.09
N GLU B 391 6.48 -14.75 -5.01
CA GLU B 391 7.53 -14.94 -4.02
C GLU B 391 7.19 -14.33 -2.65
N GLN B 392 6.98 -15.19 -1.66
CA GLN B 392 6.66 -14.76 -0.30
C GLN B 392 7.74 -13.85 0.32
N TYR B 393 9.00 -14.12 -0.01
CA TYR B 393 10.12 -13.36 0.58
C TYR B 393 10.74 -12.30 -0.34
N SER B 394 10.01 -11.94 -1.41
CA SER B 394 10.34 -10.79 -2.23
C SER B 394 9.17 -9.80 -2.29
N GLY B 395 7.98 -10.32 -2.60
CA GLY B 395 6.78 -9.51 -2.74
C GLY B 395 6.54 -8.95 -4.13
N GLY B 396 7.52 -9.14 -5.02
CA GLY B 396 7.46 -8.63 -6.37
C GLY B 396 8.84 -8.24 -6.90
N CYS B 397 8.86 -7.52 -8.02
CA CYS B 397 10.07 -7.02 -8.65
C CYS B 397 9.71 -5.88 -9.61
N TYR B 398 10.65 -5.01 -9.97
CA TYR B 398 12.05 -5.05 -9.51
C TYR B 398 12.21 -4.55 -8.09
N THR B 399 11.34 -3.60 -7.70
CA THR B 399 11.53 -2.87 -6.46
C THR B 399 10.24 -2.26 -5.91
N THR B 400 10.37 -1.59 -4.78
CA THR B 400 9.28 -0.92 -4.09
C THR B 400 8.90 0.37 -4.81
N TYR B 401 7.60 0.57 -5.03
CA TYR B 401 7.10 1.85 -5.52
C TYR B 401 6.29 2.58 -4.45
N PHE B 402 6.16 3.89 -4.58
CA PHE B 402 5.40 4.69 -3.63
C PHE B 402 4.13 5.23 -4.29
N PRO B 403 2.96 4.87 -3.76
CA PRO B 403 1.69 5.44 -4.23
C PRO B 403 1.58 6.92 -3.81
N PRO B 404 0.64 7.67 -4.41
CA PRO B 404 0.50 9.11 -4.11
C PRO B 404 0.31 9.41 -2.62
N GLY B 405 1.06 10.39 -2.13
CA GLY B 405 0.95 10.86 -0.76
C GLY B 405 1.93 10.24 0.23
N ILE B 406 2.59 9.17 -0.16
CA ILE B 406 3.35 8.36 0.79
C ILE B 406 4.77 8.89 1.05
N LEU B 407 5.47 9.22 -0.03
CA LEU B 407 6.88 9.67 0.06
C LEU B 407 7.08 10.92 0.93
N THR B 408 6.20 11.92 0.80
CA THR B 408 6.30 13.13 1.64
C THR B 408 5.97 12.86 3.11
N GLN B 409 5.02 11.96 3.35
CA GLN B 409 4.55 11.70 4.71
C GLN B 409 5.42 10.71 5.48
N TYR B 410 5.98 9.72 4.78
CA TYR B 410 6.67 8.61 5.43
C TYR B 410 8.11 8.40 4.96
N GLY B 411 8.50 9.11 3.90
CA GLY B 411 9.78 8.88 3.24
C GLY B 411 11.01 9.06 4.11
N ARG B 412 10.97 10.02 5.03
CA ARG B 412 12.10 10.32 5.90
C ARG B 412 12.42 9.21 6.92
N VAL B 413 11.48 8.27 7.05
CA VAL B 413 11.63 7.18 8.02
C VAL B 413 12.30 5.92 7.44
N LEU B 414 12.42 5.86 6.11
CA LEU B 414 12.98 4.70 5.41
C LEU B 414 14.29 4.14 5.99
N ARG B 415 15.29 5.00 6.18
CA ARG B 415 16.56 4.51 6.72
C ARG B 415 16.92 5.05 8.12
N GLN B 416 15.92 5.58 8.82
CA GLN B 416 16.09 6.01 10.20
C GLN B 416 16.19 4.80 11.12
N PRO B 417 17.28 4.71 11.89
CA PRO B 417 17.49 3.59 12.81
C PRO B 417 16.40 3.49 13.87
N VAL B 418 16.04 2.26 14.25
CA VAL B 418 15.13 2.04 15.37
C VAL B 418 15.94 1.39 16.49
N ASP B 419 16.41 2.23 17.41
CA ASP B 419 17.27 1.80 18.52
C ASP B 419 18.56 1.18 17.97
N ARG B 420 18.64 -0.15 17.98
CA ARG B 420 19.84 -0.84 17.49
C ARG B 420 19.63 -1.59 16.15
N ILE B 421 18.50 -1.33 15.48
CA ILE B 421 18.27 -1.84 14.13
C ILE B 421 18.59 -0.77 13.10
N TYR B 422 19.44 -1.13 12.14
CA TYR B 422 19.80 -0.24 11.04
C TYR B 422 19.26 -0.82 9.73
N PHE B 423 18.97 0.05 8.76
CA PHE B 423 18.24 -0.39 7.56
C PHE B 423 19.04 -0.33 6.27
N ALA B 424 19.19 -1.48 5.64
CA ALA B 424 19.85 -1.59 4.35
C ALA B 424 18.78 -1.95 3.30
N GLY B 425 19.20 -2.61 2.22
CA GLY B 425 18.28 -2.92 1.13
C GLY B 425 18.27 -1.81 0.09
N THR B 426 18.16 -2.19 -1.18
CA THR B 426 18.28 -1.23 -2.28
C THR B 426 17.31 -0.03 -2.19
N GLU B 427 16.18 -0.21 -1.51
CA GLU B 427 15.19 0.85 -1.35
C GLU B 427 15.69 2.04 -0.52
N THR B 428 16.74 1.82 0.27
CA THR B 428 17.31 2.90 1.09
C THR B 428 18.51 3.61 0.44
N ALA B 429 18.85 3.23 -0.78
CA ALA B 429 19.98 3.84 -1.48
C ALA B 429 19.62 5.23 -2.01
N THR B 430 20.66 6.01 -2.35
CA THR B 430 20.47 7.34 -2.93
C THR B 430 20.96 7.44 -4.39
N HIS B 431 21.58 6.38 -4.89
CA HIS B 431 22.09 6.34 -6.27
C HIS B 431 21.84 4.94 -6.82
N TRP B 432 21.05 4.86 -7.89
CA TRP B 432 20.57 3.58 -8.45
C TRP B 432 19.82 2.73 -7.41
N SER B 433 19.06 3.38 -6.54
CA SER B 433 18.10 2.69 -5.69
C SER B 433 17.15 1.91 -6.59
N GLY B 434 16.85 0.67 -6.19
CA GLY B 434 16.05 -0.23 -7.01
C GLY B 434 16.88 -1.27 -7.75
N TYR B 435 18.19 -1.02 -7.85
CA TYR B 435 19.15 -1.84 -8.60
C TYR B 435 20.15 -2.57 -7.68
N MET B 436 20.90 -3.50 -8.25
CA MET B 436 21.98 -4.18 -7.53
C MET B 436 23.01 -3.18 -6.99
N GLU B 437 23.30 -2.14 -7.78
CA GLU B 437 24.18 -1.05 -7.35
C GLU B 437 23.68 -0.39 -6.04
N GLY B 438 22.40 -0.07 -5.98
CA GLY B 438 21.79 0.48 -4.79
C GLY B 438 21.87 -0.44 -3.57
N ALA B 439 21.77 -1.74 -3.83
CA ALA B 439 21.88 -2.74 -2.76
C ALA B 439 23.26 -2.70 -2.10
N VAL B 440 24.31 -2.57 -2.92
CA VAL B 440 25.68 -2.47 -2.41
C VAL B 440 25.87 -1.19 -1.59
N GLU B 441 25.45 -0.05 -2.16
CA GLU B 441 25.51 1.24 -1.45
C GLU B 441 24.85 1.19 -0.06
N ALA B 442 23.62 0.66 -0.02
CA ALA B 442 22.82 0.63 1.19
C ALA B 442 23.38 -0.31 2.26
N GLY B 443 23.84 -1.49 1.84
CA GLY B 443 24.44 -2.46 2.74
C GLY B 443 25.72 -1.96 3.40
N GLU B 444 26.60 -1.41 2.58
CA GLU B 444 27.88 -0.88 3.05
C GLU B 444 27.71 0.37 3.93
N ARG B 445 26.75 1.23 3.57
CA ARG B 445 26.44 2.41 4.37
C ARG B 445 25.86 2.02 5.76
N ALA B 446 24.93 1.06 5.78
CA ALA B 446 24.35 0.56 7.02
C ALA B 446 25.39 -0.10 7.93
N ALA B 447 26.30 -0.86 7.32
CA ALA B 447 27.43 -1.48 8.05
C ALA B 447 28.32 -0.42 8.70
N ARG B 448 28.57 0.66 7.98
CA ARG B 448 29.39 1.76 8.48
C ARG B 448 28.72 2.60 9.57
N GLU B 449 27.39 2.68 9.53
CA GLU B 449 26.61 3.33 10.59
C GLU B 449 26.83 2.60 11.92
N ILE B 450 26.87 1.27 11.86
CA ILE B 450 27.15 0.46 13.04
C ILE B 450 28.60 0.61 13.51
N LEU B 451 29.53 0.68 12.57
CA LEU B 451 30.93 0.91 12.90
C LEU B 451 31.12 2.25 13.63
N HIS B 452 30.40 3.26 13.18
CA HIS B 452 30.40 4.57 13.83
C HIS B 452 29.77 4.49 15.23
N ALA B 453 28.68 3.75 15.36
CA ALA B 453 28.02 3.54 16.65
C ALA B 453 28.93 2.84 17.66
N MET B 454 29.85 2.02 17.16
CA MET B 454 30.82 1.33 18.01
C MET B 454 32.08 2.16 18.28
N GLY B 455 32.13 3.37 17.72
CA GLY B 455 33.26 4.28 17.88
C GLY B 455 34.50 3.86 17.11
N LYS B 456 34.31 3.12 16.01
CA LYS B 456 35.43 2.60 15.22
C LYS B 456 35.82 3.50 14.03
N ILE B 457 34.87 4.30 13.55
CA ILE B 457 35.13 5.25 12.47
C ILE B 457 34.45 6.59 12.78
N PRO B 458 34.98 7.69 12.25
CA PRO B 458 34.35 9.01 12.42
C PRO B 458 33.05 9.14 11.62
N GLU B 459 32.20 10.09 12.00
CA GLU B 459 30.91 10.30 11.36
C GLU B 459 30.98 10.54 9.85
N ASP B 460 32.01 11.26 9.41
CA ASP B 460 32.14 11.63 8.00
C ASP B 460 32.57 10.46 7.09
N GLU B 461 32.73 9.28 7.66
CA GLU B 461 33.09 8.09 6.89
C GLU B 461 31.92 7.14 6.65
N ILE B 462 30.74 7.48 7.16
CA ILE B 462 29.53 6.67 6.98
C ILE B 462 29.12 6.60 5.50
N TRP B 463 29.10 7.76 4.85
CA TRP B 463 28.81 7.85 3.43
C TRP B 463 30.12 8.00 2.66
N GLN B 464 30.39 7.03 1.80
CA GLN B 464 31.66 6.95 1.08
C GLN B 464 31.47 6.99 -0.43
N SER B 465 32.20 7.87 -1.09
CA SER B 465 32.19 7.97 -2.55
C SER B 465 32.95 6.80 -3.18
N GLU B 466 32.65 6.52 -4.45
CA GLU B 466 33.23 5.38 -5.15
C GLU B 466 34.02 5.83 -6.38
N PRO B 467 35.27 5.39 -6.51
CA PRO B 467 36.08 5.69 -7.71
C PRO B 467 35.47 5.04 -8.96
N GLU B 468 35.55 5.72 -10.09
CA GLU B 468 35.01 5.22 -11.34
C GLU B 468 35.71 3.93 -11.79
N SER B 469 34.92 2.98 -12.29
CA SER B 469 35.43 1.74 -12.88
C SER B 469 36.30 2.04 -14.10
N VAL B 470 37.46 1.38 -14.18
CA VAL B 470 38.33 1.53 -15.35
C VAL B 470 37.86 0.65 -16.53
N ASP B 471 37.17 -0.44 -16.19
CA ASP B 471 36.65 -1.38 -17.19
C ASP B 471 35.36 -0.90 -17.84
N VAL B 472 34.56 -0.14 -17.10
CA VAL B 472 33.27 0.35 -17.60
C VAL B 472 33.19 1.86 -17.39
N PRO B 473 33.87 2.62 -18.25
CA PRO B 473 33.90 4.08 -18.12
C PRO B 473 32.60 4.72 -18.61
N ALA B 474 32.25 5.89 -18.06
CA ALA B 474 31.02 6.57 -18.41
C ALA B 474 31.26 7.79 -19.31
N GLN B 475 30.62 7.79 -20.48
CA GLN B 475 30.50 9.00 -21.31
C GLN B 475 29.48 9.92 -20.67
N PRO B 476 29.70 11.23 -20.75
CA PRO B 476 28.73 12.20 -20.22
C PRO B 476 27.46 12.24 -21.07
N ILE B 477 26.34 12.60 -20.46
CA ILE B 477 25.08 12.74 -21.19
C ILE B 477 25.02 14.14 -21.81
N THR B 478 24.84 14.18 -23.13
CA THR B 478 24.81 15.43 -23.88
C THR B 478 23.44 15.72 -24.48
N THR B 479 23.12 17.00 -24.60
CA THR B 479 21.94 17.48 -25.34
C THR B 479 22.39 18.36 -26.50
N THR B 480 21.56 18.43 -27.55
CA THR B 480 21.81 19.35 -28.65
C THR B 480 21.18 20.71 -28.37
N PHE B 481 21.60 21.72 -29.14
CA PHE B 481 21.06 23.08 -29.00
C PHE B 481 19.53 23.10 -29.21
N LEU B 482 19.07 22.40 -30.24
CA LEU B 482 17.64 22.35 -30.57
C LEU B 482 16.80 21.63 -29.52
N GLU B 483 17.34 20.54 -28.95
CA GLU B 483 16.67 19.80 -27.87
C GLU B 483 16.38 20.68 -26.65
N ARG B 484 17.31 21.58 -26.33
CA ARG B 484 17.19 22.46 -25.17
C ARG B 484 16.20 23.61 -25.38
N HIS B 485 16.14 24.14 -26.60
CA HIS B 485 15.45 25.42 -26.84
C HIS B 485 14.17 25.35 -27.69
N LEU B 486 13.91 24.20 -28.32
CA LEU B 486 12.66 24.01 -29.06
C LEU B 486 11.48 24.10 -28.11
N PRO B 487 10.42 24.80 -28.52
CA PRO B 487 9.26 25.02 -27.65
C PRO B 487 8.40 23.76 -27.49
N SER B 488 7.60 23.73 -26.42
CA SER B 488 6.57 22.71 -26.26
C SER B 488 5.41 23.01 -27.19
N VAL B 489 4.41 22.13 -27.22
CA VAL B 489 3.19 22.36 -28.01
C VAL B 489 2.43 23.62 -27.55
N PRO B 490 2.10 23.74 -26.25
CA PRO B 490 1.48 24.97 -25.73
C PRO B 490 2.37 26.21 -25.87
N GLY B 491 3.69 26.02 -25.88
CA GLY B 491 4.64 27.11 -26.08
C GLY B 491 4.59 27.67 -27.50
N LEU B 492 4.48 26.78 -28.47
CA LEU B 492 4.35 27.17 -29.88
C LEU B 492 3.01 27.85 -30.14
N LEU B 493 1.95 27.35 -29.50
CA LEU B 493 0.62 27.95 -29.59
C LEU B 493 0.58 29.36 -28.99
N ARG B 494 1.36 29.56 -27.92
CA ARG B 494 1.50 30.86 -27.27
C ARG B 494 2.20 31.85 -28.20
N LEU B 495 3.22 31.37 -28.90
CA LEU B 495 3.98 32.17 -29.87
C LEU B 495 3.13 32.51 -31.10
N ILE B 496 2.09 31.71 -31.35
CA ILE B 496 1.14 31.98 -32.42
C ILE B 496 0.07 32.96 -31.93
PA FAD C . -10.32 -6.04 14.72
O1A FAD C . -9.13 -5.29 14.29
O2A FAD C . -11.17 -5.25 15.73
O5B FAD C . -9.90 -7.45 15.37
C5B FAD C . -8.73 -8.12 14.92
C4B FAD C . -8.09 -8.87 16.09
O4B FAD C . -7.06 -9.69 15.59
C3B FAD C . -7.44 -7.91 17.08
O3B FAD C . -7.93 -8.20 18.38
C2B FAD C . -5.95 -8.19 16.98
O2B FAD C . -5.29 -8.05 18.22
C1B FAD C . -5.93 -9.62 16.44
N9A FAD C . -4.71 -9.99 15.70
C8A FAD C . -4.01 -9.25 14.77
N7A FAD C . -2.96 -10.00 14.34
C5A FAD C . -2.99 -11.20 14.97
C6A FAD C . -2.18 -12.34 14.91
N6A FAD C . -1.13 -12.39 14.10
N1A FAD C . -2.49 -13.42 15.70
C2A FAD C . -3.59 -13.40 16.53
N3A FAD C . -4.38 -12.28 16.59
C4A FAD C . -4.09 -11.19 15.82
N1 FAD C . -17.00 1.15 13.87
C2 FAD C . -18.33 1.39 14.21
O2 FAD C . -19.19 0.54 14.01
N3 FAD C . -18.69 2.59 14.80
C4 FAD C . -17.72 3.56 15.04
O4 FAD C . -18.05 4.62 15.57
C4X FAD C . -16.40 3.32 14.69
N5 FAD C . -15.44 4.30 14.90
C5X FAD C . -14.10 3.94 14.87
C6 FAD C . -13.17 4.76 15.51
C7 FAD C . -11.89 4.30 15.77
C7M FAD C . -10.94 5.25 16.46
C8 FAD C . -11.54 3.00 15.40
C8M FAD C . -10.15 2.43 15.65
C9 FAD C . -12.47 2.18 14.76
C9A FAD C . -13.76 2.65 14.49
N10 FAD C . -14.70 1.89 13.80
C10 FAD C . -16.04 2.11 14.10
C1' FAD C . -14.29 0.59 13.16
C2' FAD C . -14.55 -0.65 14.04
O2' FAD C . -13.92 -0.51 15.30
C3' FAD C . -14.01 -1.88 13.31
O3' FAD C . -14.67 -1.97 12.07
C4' FAD C . -14.21 -3.21 14.04
O4' FAD C . -13.86 -3.14 15.41
C5' FAD C . -13.35 -4.27 13.35
O5' FAD C . -13.52 -5.52 13.97
P FAD C . -12.73 -6.78 13.37
O1P FAD C . -13.00 -7.97 14.22
O2P FAD C . -13.10 -7.00 11.90
O3P FAD C . -11.16 -6.42 13.40
N10 RAS D . -17.46 7.89 12.42
C11 RAS D . -16.41 7.29 12.86
C12 RAS D . -16.53 5.88 13.46
C13 RAS D . -15.59 5.27 14.08
C9 RAS D . -17.33 9.23 11.85
C1 RAS D . -18.11 10.29 12.65
C2 RAS D . -18.85 11.18 11.63
C3 RAS D . -18.80 10.37 10.37
C8 RAS D . -17.98 9.29 10.51
C7 RAS D . -17.79 8.40 9.46
C4 RAS D . -19.49 10.61 9.20
C5 RAS D . -19.32 9.74 8.14
C6 RAS D . -18.47 8.63 8.27
PA FAD E . 16.74 -8.73 -1.90
O1A FAD E . 15.26 -8.82 -2.00
O2A FAD E . 17.46 -9.25 -3.15
O5B FAD E . 17.25 -9.52 -0.59
C5B FAD E . 16.41 -9.70 0.52
C4B FAD E . 16.68 -11.05 1.16
O4B FAD E . 16.01 -11.10 2.41
C3B FAD E . 16.13 -12.21 0.34
O3B FAD E . 17.13 -13.19 0.14
C2B FAD E . 14.97 -12.75 1.17
O2B FAD E . 14.79 -14.14 1.03
C1B FAD E . 15.39 -12.36 2.57
N9A FAD E . 14.29 -12.25 3.55
C8A FAD E . 13.04 -11.71 3.38
N7A FAD E . 12.36 -11.80 4.54
C5A FAD E . 13.16 -12.39 5.47
C6A FAD E . 12.99 -12.74 6.81
N6A FAD E . 11.83 -12.52 7.45
N1A FAD E . 14.03 -13.33 7.49
C2A FAD E . 15.23 -13.61 6.86
N3A FAD E . 15.38 -13.27 5.53
C4A FAD E . 14.38 -12.67 4.85
N1 FAD E . 18.70 -4.75 -10.73
C2 FAD E . 19.80 -4.46 -11.52
O2 FAD E . 20.79 -3.92 -11.04
N3 FAD E . 19.77 -4.77 -12.86
C4 FAD E . 18.66 -5.38 -13.41
O4 FAD E . 18.66 -5.67 -14.60
C4X FAD E . 17.56 -5.68 -12.62
N5 FAD E . 16.43 -6.28 -13.18
C5X FAD E . 15.48 -6.84 -12.35
C6 FAD E . 14.60 -7.79 -12.88
C7 FAD E . 13.86 -8.61 -12.02
C7M FAD E . 12.92 -9.60 -12.65
C8 FAD E . 14.00 -8.49 -10.63
C8M FAD E . 13.22 -9.35 -9.66
C9 FAD E . 14.88 -7.53 -10.12
C9A FAD E . 15.63 -6.71 -10.97
N10 FAD E . 16.47 -5.70 -10.49
C10 FAD E . 17.57 -5.37 -11.27
C1' FAD E . 16.46 -5.36 -9.02
C2' FAD E . 17.57 -6.03 -8.22
O2' FAD E . 17.53 -7.43 -8.41
C3' FAD E . 17.39 -5.68 -6.74
O3' FAD E . 17.49 -4.26 -6.59
C4' FAD E . 18.40 -6.30 -5.77
O4' FAD E . 18.59 -7.68 -6.03
C5' FAD E . 17.88 -6.09 -4.35
O5' FAD E . 18.79 -6.63 -3.42
P FAD E . 18.50 -6.50 -1.84
O1P FAD E . 19.59 -7.18 -1.10
O2P FAD E . 18.36 -5.02 -1.48
O3P FAD E . 17.08 -7.20 -1.58
N10 RAS F . 15.56 -3.02 -16.62
C11 RAS F . 15.14 -3.89 -15.77
C12 RAS F . 16.07 -4.42 -14.68
C13 RAS F . 15.80 -5.43 -13.91
C9 RAS F . 14.65 -2.52 -17.64
C1 RAS F . 15.15 -2.84 -19.06
C2 RAS F . 14.94 -1.57 -19.92
C3 RAS F . 14.78 -0.50 -18.88
C8 RAS F . 14.63 -1.02 -17.63
C7 RAS F . 14.48 -0.20 -16.53
C4 RAS F . 14.78 0.86 -19.12
C5 RAS F . 14.63 1.69 -18.01
C6 RAS F . 14.48 1.17 -16.74
#